data_2R8A
#
_entry.id   2R8A
#
_cell.length_a   64.766
_cell.length_b   64.766
_cell.length_c   270.651
_cell.angle_alpha   90.00
_cell.angle_beta   90.00
_cell.angle_gamma   90.00
#
_symmetry.space_group_name_H-M   'P 41'
#
loop_
_entity.id
_entity.type
_entity.pdbx_description
1 polymer 'Long-chain fatty acid transport protein'
2 non-polymer (HYDROXYETHYLOXY)TRI(ETHYLOXY)OCTANE
#
_entity_poly.entity_id   1
_entity_poly.type   'polypeptide(L)'
_entity_poly.pdbx_seq_one_letter_code
;AGSGLGRAYSGEGAIADDAGNVSRNPALITMFDRPTFSAGAVYIDPDVNISGTSPSGRSLKADNIAPTAWVPNMHFVAPI
NDQFGWGASITSNYGLATEFNDTYAGGSVGGTTDLETMNLNLSGAYRLNNAWSFGLGFNAVYARAKIERFAGDLGQLVAG
QIMQSPAGQTQQGQALAATANGIDSNTKTAHLNGNQWGFGWNAGILYELDKNNRYALTYRSEVKIDFKGNYSSDLNRAFN
NYGLPIPTATGGATQSGYLTLNLPEMWEVSGYNRVDPQWAIHYSLAYTSWSQFQQLKATSTSGDTLFQKHEGFKDAYRIA
LGTTYYYDDNWTFRTGIAFDDSPVPAQNRSISIPDQDRFWLSAGTTYAFNKDASVDVGVSYMHGQSVKINEGPYQFESEG
KAWLFGTNFNYAFHHHHHH
;
_entity_poly.pdbx_strand_id   A,B
#
loop_
_chem_comp.id
_chem_comp.type
_chem_comp.name
_chem_comp.formula
C8E non-polymer (HYDROXYETHYLOXY)TRI(ETHYLOXY)OCTANE 'C16 H34 O5'
#
# COMPACT_ATOMS: atom_id res chain seq x y z
N ALA A 1 17.34 3.97 12.20
CA ALA A 1 17.41 2.98 13.33
C ALA A 1 17.97 1.57 13.04
N GLY A 2 19.06 1.48 12.28
CA GLY A 2 19.70 0.19 12.02
C GLY A 2 19.46 -0.54 10.72
N SER A 3 18.90 -1.74 10.84
CA SER A 3 18.59 -2.54 9.66
C SER A 3 17.75 -1.74 8.70
N GLY A 4 16.77 -1.01 9.24
CA GLY A 4 15.89 -0.20 8.44
C GLY A 4 16.63 0.69 7.45
N LEU A 5 17.81 1.18 7.84
CA LEU A 5 18.60 2.04 6.97
C LEU A 5 19.03 1.31 5.69
N GLY A 6 19.35 0.03 5.81
CA GLY A 6 19.77 -0.73 4.64
C GLY A 6 18.62 -1.16 3.78
N ARG A 7 17.40 -1.04 4.27
CA ARG A 7 16.23 -1.43 3.49
C ARG A 7 15.51 -0.18 3.00
N ALA A 8 16.17 0.96 3.16
CA ALA A 8 15.60 2.26 2.76
C ALA A 8 14.33 2.58 3.55
N TYR A 9 14.09 1.79 4.61
CA TYR A 9 12.91 1.97 5.46
C TYR A 9 11.64 1.58 4.74
N SER A 10 11.73 0.48 4.00
CA SER A 10 10.62 -0.04 3.25
C SER A 10 9.77 -1.03 4.04
N GLY A 11 8.59 -0.59 4.46
CA GLY A 11 7.70 -1.46 5.20
C GLY A 11 8.02 -1.47 6.68
N GLU A 12 8.66 -0.41 7.14
CA GLU A 12 9.02 -0.34 8.54
C GLU A 12 7.89 -0.73 9.47
N GLY A 13 6.65 -0.57 9.02
CA GLY A 13 5.51 -0.88 9.87
C GLY A 13 4.92 -2.26 9.75
N ALA A 14 5.72 -3.23 9.32
CA ALA A 14 5.26 -4.60 9.17
C ALA A 14 6.38 -5.61 9.33
N ILE A 15 7.62 -5.13 9.35
CA ILE A 15 8.76 -6.01 9.52
C ILE A 15 8.89 -6.25 11.02
N ALA A 16 9.38 -7.44 11.40
CA ALA A 16 9.52 -7.75 12.82
C ALA A 16 10.74 -8.60 13.16
N ASP A 17 11.78 -8.52 12.36
CA ASP A 17 12.96 -9.31 12.63
C ASP A 17 13.83 -8.76 13.77
N ASP A 18 13.55 -7.54 14.22
CA ASP A 18 14.28 -7.00 15.37
C ASP A 18 13.40 -5.95 16.00
N ALA A 19 13.57 -5.75 17.30
CA ALA A 19 12.75 -4.80 18.06
C ALA A 19 12.70 -3.36 17.57
N GLY A 20 13.59 -3.02 16.63
CA GLY A 20 13.62 -1.65 16.13
C GLY A 20 12.30 -1.09 15.67
N ASN A 21 11.55 -1.93 14.98
CA ASN A 21 10.26 -1.59 14.40
C ASN A 21 9.10 -1.23 15.30
N VAL A 22 9.08 -1.74 16.51
CA VAL A 22 7.97 -1.44 17.39
C VAL A 22 7.76 0.05 17.56
N SER A 23 8.85 0.82 17.47
CA SER A 23 8.74 2.25 17.64
C SER A 23 8.07 2.87 16.42
N ARG A 24 8.06 2.14 15.33
CA ARG A 24 7.45 2.63 14.11
C ARG A 24 6.00 2.16 14.04
N ASN A 25 5.71 1.02 14.65
CA ASN A 25 4.36 0.49 14.69
C ASN A 25 4.10 -0.38 15.93
N PRO A 26 3.56 0.24 16.99
CA PRO A 26 3.22 -0.36 18.28
C PRO A 26 2.50 -1.70 18.22
N ALA A 27 1.65 -1.88 17.21
CA ALA A 27 0.95 -3.13 17.09
C ALA A 27 1.95 -4.27 16.89
N LEU A 28 3.06 -4.00 16.20
CA LEU A 28 4.08 -5.03 15.99
C LEU A 28 4.63 -5.63 17.29
N ILE A 29 4.17 -5.15 18.44
CA ILE A 29 4.65 -5.71 19.71
C ILE A 29 4.27 -7.19 19.84
N THR A 30 3.02 -7.49 19.49
CA THR A 30 2.47 -8.83 19.58
C THR A 30 3.17 -9.70 18.60
N MET A 31 4.40 -9.35 18.27
CA MET A 31 5.16 -10.12 17.34
C MET A 31 6.42 -10.69 18.01
N PHE A 32 6.56 -10.48 19.32
CA PHE A 32 7.74 -10.97 20.00
C PHE A 32 7.48 -11.92 21.15
N ASP A 33 8.24 -13.02 21.15
CA ASP A 33 8.17 -14.08 22.15
C ASP A 33 8.87 -13.71 23.42
N ARG A 34 10.16 -13.43 23.31
CA ARG A 34 10.99 -13.09 24.45
C ARG A 34 11.50 -11.65 24.39
N PRO A 35 11.69 -10.99 25.55
CA PRO A 35 12.17 -9.62 25.53
C PRO A 35 13.32 -9.47 24.55
N THR A 36 13.28 -8.42 23.75
CA THR A 36 14.33 -8.19 22.79
C THR A 36 14.80 -6.77 22.99
N PHE A 37 16.10 -6.57 22.83
CA PHE A 37 16.67 -5.25 23.00
C PHE A 37 17.58 -4.96 21.84
N SER A 38 17.62 -3.70 21.42
CA SER A 38 18.48 -3.32 20.30
C SER A 38 18.95 -1.89 20.48
N ALA A 39 20.21 -1.64 20.15
CA ALA A 39 20.73 -0.29 20.25
C ALA A 39 21.77 -0.07 19.15
N GLY A 40 22.03 1.19 18.85
CA GLY A 40 22.99 1.51 17.81
C GLY A 40 22.87 2.95 17.40
N ALA A 41 23.47 3.25 16.25
CA ALA A 41 23.41 4.60 15.74
C ALA A 41 23.62 4.66 14.25
N VAL A 42 23.32 5.83 13.70
CA VAL A 42 23.46 6.10 12.28
C VAL A 42 24.31 7.34 12.20
N TYR A 43 25.42 7.22 11.47
CA TYR A 43 26.31 8.35 11.27
C TYR A 43 25.80 8.99 9.98
N ILE A 44 25.48 10.28 10.05
CA ILE A 44 24.96 10.99 8.88
C ILE A 44 25.93 12.02 8.33
N ASP A 45 26.32 11.89 7.07
CA ASP A 45 27.24 12.84 6.47
C ASP A 45 26.65 13.41 5.17
N PRO A 46 26.18 14.67 5.22
CA PRO A 46 25.60 15.38 4.07
C PRO A 46 26.59 16.12 3.19
N ASP A 47 26.03 16.80 2.19
CA ASP A 47 26.78 17.60 1.24
C ASP A 47 25.85 18.63 0.59
N VAL A 48 25.36 19.57 1.38
CA VAL A 48 24.47 20.60 0.86
C VAL A 48 25.36 21.74 0.36
N ASN A 49 25.02 22.25 -0.82
CA ASN A 49 25.79 23.33 -1.45
C ASN A 49 24.94 24.38 -2.14
N ILE A 50 24.91 25.58 -1.57
CA ILE A 50 24.19 26.69 -2.17
C ILE A 50 25.12 27.37 -3.17
N SER A 51 24.55 27.93 -4.23
CA SER A 51 25.34 28.62 -5.26
C SER A 51 24.64 29.87 -5.83
N GLY A 52 25.26 30.48 -6.85
CA GLY A 52 24.68 31.68 -7.44
C GLY A 52 25.24 32.98 -6.89
N THR A 53 24.61 34.10 -7.27
CA THR A 53 25.07 35.43 -6.86
C THR A 53 23.97 36.38 -6.40
N SER A 54 24.38 37.54 -5.90
CA SER A 54 23.42 38.53 -5.42
C SER A 54 23.32 39.76 -6.33
N PRO A 55 22.28 40.58 -6.13
CA PRO A 55 22.17 41.77 -6.98
C PRO A 55 23.18 42.77 -6.45
N SER A 56 23.88 42.35 -5.38
CA SER A 56 24.91 43.17 -4.77
C SER A 56 26.18 42.78 -5.48
N GLY A 57 26.09 41.73 -6.29
CA GLY A 57 27.26 41.26 -7.00
C GLY A 57 28.08 40.38 -6.09
N ARG A 58 27.74 40.36 -4.81
CA ARG A 58 28.49 39.53 -3.89
C ARG A 58 28.07 38.09 -4.04
N SER A 59 29.01 37.19 -3.84
CA SER A 59 28.77 35.77 -3.98
C SER A 59 27.75 35.26 -2.96
N LEU A 60 26.90 34.35 -3.45
CA LEU A 60 25.89 33.71 -2.64
C LEU A 60 26.26 32.23 -2.63
N LYS A 61 27.54 31.95 -2.89
CA LYS A 61 28.04 30.58 -2.89
C LYS A 61 28.36 30.18 -1.45
N ALA A 62 27.98 28.95 -1.09
CA ALA A 62 28.20 28.39 0.24
C ALA A 62 28.36 26.87 0.16
N ASP A 63 29.59 26.37 0.26
CA ASP A 63 29.84 24.94 0.20
C ASP A 63 29.60 24.28 1.56
N ASN A 64 29.17 23.02 1.51
CA ASN A 64 28.90 22.25 2.72
C ASN A 64 28.31 23.07 3.86
N ILE A 65 26.99 23.19 3.90
CA ILE A 65 26.32 23.94 4.97
C ILE A 65 25.61 23.02 5.93
N ALA A 66 25.65 21.71 5.64
CA ALA A 66 25.02 20.71 6.48
C ALA A 66 26.11 19.87 7.12
N PRO A 67 26.23 19.94 8.45
CA PRO A 67 27.20 19.23 9.29
C PRO A 67 27.00 17.72 9.38
N THR A 68 27.96 17.02 9.94
CA THR A 68 27.78 15.59 10.10
C THR A 68 26.91 15.43 11.31
N ALA A 69 26.48 14.21 11.56
CA ALA A 69 25.62 13.94 12.71
C ALA A 69 25.66 12.48 13.07
N TRP A 70 25.52 12.23 14.36
CA TRP A 70 25.50 10.88 14.87
C TRP A 70 24.14 10.77 15.51
N VAL A 71 23.38 9.74 15.13
CA VAL A 71 22.05 9.52 15.69
C VAL A 71 21.91 8.13 16.30
N PRO A 72 21.67 8.11 17.62
CA PRO A 72 21.50 6.91 18.43
C PRO A 72 20.06 6.43 18.36
N ASN A 73 19.85 5.16 18.70
CA ASN A 73 18.51 4.56 18.73
C ASN A 73 18.60 3.44 19.74
N MET A 74 17.55 3.27 20.52
CA MET A 74 17.57 2.23 21.51
C MET A 74 16.15 1.76 21.76
N HIS A 75 15.90 0.50 21.45
CA HIS A 75 14.59 -0.09 21.61
C HIS A 75 14.59 -1.33 22.50
N PHE A 76 13.55 -1.43 23.33
CA PHE A 76 13.34 -2.57 24.19
C PHE A 76 11.89 -3.00 24.03
N VAL A 77 11.68 -4.31 23.87
CA VAL A 77 10.36 -4.90 23.70
C VAL A 77 10.24 -6.21 24.47
N ALA A 78 9.09 -6.45 25.08
CA ALA A 78 8.85 -7.69 25.83
C ALA A 78 7.38 -8.03 26.01
N PRO A 79 7.07 -9.33 25.99
CA PRO A 79 5.69 -9.78 26.15
C PRO A 79 5.26 -9.72 27.61
N ILE A 80 3.97 -9.57 27.83
CA ILE A 80 3.44 -9.52 29.18
C ILE A 80 2.70 -10.82 29.49
N ASN A 81 1.75 -11.16 28.65
CA ASN A 81 0.96 -12.39 28.77
C ASN A 81 0.52 -12.66 27.37
N ASP A 82 0.15 -13.90 27.07
CA ASP A 82 -0.25 -14.27 25.71
C ASP A 82 -1.03 -13.24 24.88
N GLN A 83 -1.60 -12.22 25.51
CA GLN A 83 -2.37 -11.21 24.77
C GLN A 83 -1.85 -9.78 24.89
N PHE A 84 -0.81 -9.58 25.70
CA PHE A 84 -0.24 -8.24 25.87
C PHE A 84 1.29 -8.20 25.83
N GLY A 85 1.82 -7.03 25.47
CA GLY A 85 3.24 -6.81 25.41
C GLY A 85 3.43 -5.31 25.55
N TRP A 86 4.64 -4.87 25.84
CA TRP A 86 4.89 -3.44 25.98
C TRP A 86 6.31 -3.14 25.45
N GLY A 87 6.65 -1.86 25.34
CA GLY A 87 7.97 -1.53 24.86
C GLY A 87 8.32 -0.06 24.93
N ALA A 88 9.61 0.23 24.88
CA ALA A 88 10.04 1.61 24.91
C ALA A 88 11.19 1.84 23.96
N SER A 89 11.40 3.09 23.62
CA SER A 89 12.48 3.42 22.71
C SER A 89 12.93 4.86 22.85
N ILE A 90 14.14 5.10 22.38
CA ILE A 90 14.70 6.43 22.36
C ILE A 90 15.27 6.57 20.95
N THR A 91 14.69 7.44 20.15
CA THR A 91 15.17 7.65 18.79
C THR A 91 15.06 9.13 18.45
N SER A 92 15.09 9.42 17.15
CA SER A 92 14.97 10.79 16.64
C SER A 92 14.22 10.75 15.31
N ASN A 93 13.18 11.56 15.17
CA ASN A 93 12.39 11.54 13.94
C ASN A 93 12.50 12.78 13.07
N TYR A 94 12.99 13.87 13.66
CA TYR A 94 13.16 15.12 12.94
C TYR A 94 14.45 15.75 13.38
N GLY A 95 15.00 16.60 12.51
CA GLY A 95 16.24 17.27 12.79
C GLY A 95 16.55 18.22 11.64
N LEU A 96 17.72 18.84 11.67
CA LEU A 96 18.06 19.78 10.62
C LEU A 96 19.26 20.62 11.03
N ALA A 97 20.31 20.58 10.22
CA ALA A 97 21.53 21.33 10.50
C ALA A 97 21.97 22.08 9.27
N THR A 98 22.16 23.39 9.42
CA THR A 98 22.57 24.24 8.32
C THR A 98 23.47 25.35 8.88
N GLU A 99 24.64 25.53 8.28
CA GLU A 99 25.53 26.57 8.78
C GLU A 99 26.37 27.28 7.72
N PHE A 100 26.13 28.58 7.58
CA PHE A 100 26.87 29.41 6.64
C PHE A 100 27.78 30.25 7.51
N ASN A 101 28.65 31.06 6.89
CA ASN A 101 29.52 31.95 7.66
C ASN A 101 28.60 33.09 8.07
N ASP A 102 29.04 33.89 9.03
CA ASP A 102 28.22 35.02 9.44
C ASP A 102 28.49 36.19 8.50
N THR A 103 29.47 36.01 7.60
CA THR A 103 29.80 37.07 6.66
C THR A 103 29.17 36.80 5.30
N TYR A 104 28.47 35.68 5.19
CA TYR A 104 27.78 35.27 3.95
C TYR A 104 26.85 36.38 3.48
N ALA A 105 26.81 36.60 2.17
CA ALA A 105 25.96 37.64 1.59
C ALA A 105 24.45 37.48 1.87
N GLY A 106 23.95 36.24 1.87
CA GLY A 106 22.54 36.01 2.13
C GLY A 106 22.31 35.76 3.61
N GLY A 107 23.27 36.17 4.42
CA GLY A 107 23.20 35.97 5.85
C GLY A 107 21.86 36.14 6.52
N SER A 108 20.95 36.89 5.92
CA SER A 108 19.63 37.09 6.53
C SER A 108 18.74 35.87 6.32
N VAL A 109 18.89 35.21 5.18
CA VAL A 109 18.10 34.04 4.89
C VAL A 109 18.95 32.78 4.94
N GLY A 110 19.97 32.77 5.78
CA GLY A 110 20.80 31.59 5.85
C GLY A 110 21.96 31.73 6.80
N GLY A 111 21.67 31.89 8.09
CA GLY A 111 22.73 32.03 9.08
C GLY A 111 23.05 30.66 9.65
N THR A 112 22.52 30.41 10.85
CA THR A 112 22.69 29.13 11.54
C THR A 112 21.30 28.58 11.75
N THR A 113 21.14 27.27 11.58
CA THR A 113 19.85 26.62 11.76
C THR A 113 20.01 25.24 12.35
N ASP A 114 19.73 25.11 13.64
CA ASP A 114 19.83 23.82 14.31
C ASP A 114 18.53 23.39 14.91
N LEU A 115 18.33 22.07 14.91
CA LEU A 115 17.11 21.53 15.45
C LEU A 115 17.32 20.06 15.73
N GLU A 116 17.40 19.71 17.01
CA GLU A 116 17.58 18.31 17.37
C GLU A 116 16.32 17.83 18.06
N THR A 117 15.95 16.59 17.77
CA THR A 117 14.78 16.00 18.36
C THR A 117 15.12 14.70 19.06
N MET A 118 14.61 14.54 20.27
CA MET A 118 14.82 13.31 21.01
C MET A 118 13.44 12.79 21.30
N ASN A 119 13.13 11.61 20.79
CA ASN A 119 11.82 11.04 21.04
C ASN A 119 11.90 9.91 22.04
N LEU A 120 11.15 10.05 23.12
CA LEU A 120 11.09 9.05 24.16
C LEU A 120 9.76 8.35 23.94
N ASN A 121 9.80 7.07 23.59
CA ASN A 121 8.55 6.36 23.39
C ASN A 121 8.29 5.14 24.27
N LEU A 122 7.05 5.07 24.74
CA LEU A 122 6.58 3.99 25.58
C LEU A 122 5.24 3.64 25.00
N SER A 123 4.95 2.36 24.89
CA SER A 123 3.68 1.99 24.32
C SER A 123 3.36 0.52 24.50
N GLY A 124 2.10 0.20 24.26
CA GLY A 124 1.71 -1.18 24.39
C GLY A 124 0.78 -1.57 23.27
N ALA A 125 0.48 -2.86 23.20
CA ALA A 125 -0.40 -3.37 22.18
C ALA A 125 -1.15 -4.57 22.71
N TYR A 126 -2.29 -4.84 22.09
CA TYR A 126 -3.12 -5.96 22.48
C TYR A 126 -3.35 -6.84 21.26
N ARG A 127 -3.11 -8.15 21.40
CA ARG A 127 -3.36 -9.04 20.30
C ARG A 127 -4.78 -9.54 20.42
N LEU A 128 -5.58 -9.32 19.38
CA LEU A 128 -6.97 -9.71 19.38
C LEU A 128 -7.24 -11.13 18.92
N ASN A 129 -6.22 -11.78 18.38
CA ASN A 129 -6.32 -13.17 17.92
C ASN A 129 -5.18 -13.48 16.98
N ASN A 130 -5.31 -14.57 16.24
CA ASN A 130 -4.26 -14.94 15.32
C ASN A 130 -3.95 -13.94 14.22
N ALA A 131 -4.93 -13.11 13.83
CA ALA A 131 -4.69 -12.16 12.75
C ALA A 131 -4.44 -10.72 13.19
N TRP A 132 -5.46 -10.10 13.78
CA TRP A 132 -5.34 -8.71 14.18
C TRP A 132 -4.70 -8.39 15.52
N SER A 133 -4.06 -7.21 15.57
CA SER A 133 -3.39 -6.73 16.77
C SER A 133 -3.47 -5.22 16.73
N PHE A 134 -3.46 -4.59 17.89
CA PHE A 134 -3.53 -3.12 17.98
C PHE A 134 -2.58 -2.53 19.03
N GLY A 135 -2.01 -1.37 18.72
CA GLY A 135 -1.09 -0.75 19.65
C GLY A 135 -1.32 0.74 19.83
N LEU A 136 -0.99 1.25 21.01
CA LEU A 136 -1.14 2.66 21.31
C LEU A 136 0.17 3.11 21.97
N GLY A 137 0.65 4.28 21.56
CA GLY A 137 1.89 4.83 22.10
C GLY A 137 1.89 6.30 22.49
N PHE A 138 2.63 6.61 23.56
CA PHE A 138 2.78 7.95 24.10
C PHE A 138 4.20 8.41 23.75
N ASN A 139 4.36 9.70 23.46
CA ASN A 139 5.68 10.24 23.10
C ASN A 139 6.12 11.51 23.81
N ALA A 140 7.40 11.55 24.14
CA ALA A 140 8.00 12.67 24.81
C ALA A 140 9.02 13.18 23.82
N VAL A 141 8.91 14.45 23.43
CA VAL A 141 9.88 14.98 22.47
C VAL A 141 10.69 16.12 23.02
N TYR A 142 12.00 15.93 23.07
CA TYR A 142 12.86 16.97 23.54
C TYR A 142 13.41 17.66 22.32
N ALA A 143 13.17 18.96 22.25
CA ALA A 143 13.61 19.77 21.13
C ALA A 143 14.49 20.91 21.59
N ARG A 144 15.58 21.05 20.86
CA ARG A 144 16.56 22.09 21.12
C ARG A 144 16.66 22.80 19.77
N ALA A 145 16.21 24.05 19.75
CA ALA A 145 16.26 24.85 18.53
C ALA A 145 17.30 25.93 18.70
N LYS A 146 17.92 26.30 17.59
CA LYS A 146 18.95 27.33 17.56
C LYS A 146 18.79 28.05 16.22
N ILE A 147 18.48 29.35 16.26
CA ILE A 147 18.30 30.04 15.01
C ILE A 147 18.99 31.40 14.92
N GLU A 148 20.10 31.43 14.19
CA GLU A 148 20.88 32.66 14.00
C GLU A 148 20.71 33.23 12.58
N ARG A 149 20.76 34.55 12.48
CA ARG A 149 20.64 35.29 11.22
C ARG A 149 21.39 36.62 11.32
N PHE A 150 21.91 37.08 10.17
CA PHE A 150 22.64 38.34 10.10
C PHE A 150 22.13 39.07 8.86
N ALA A 151 22.60 40.29 8.64
CA ALA A 151 22.17 41.06 7.48
C ALA A 151 23.28 41.01 6.47
N GLY A 152 23.21 40.06 5.54
CA GLY A 152 24.28 39.95 4.56
C GLY A 152 24.45 41.23 3.79
N ASP A 153 24.40 41.14 2.47
CA ASP A 153 24.55 42.32 1.67
C ASP A 153 23.23 43.06 1.66
N LEU A 154 22.55 43.06 2.80
CA LEU A 154 21.26 43.74 2.86
C LEU A 154 21.38 45.25 2.86
N GLY A 155 22.25 45.78 3.71
CA GLY A 155 22.45 47.22 3.76
C GLY A 155 22.96 47.75 2.43
N GLN A 156 23.76 46.94 1.75
CA GLN A 156 24.29 47.32 0.45
C GLN A 156 23.11 47.48 -0.48
N LEU A 157 22.24 46.47 -0.50
CA LEU A 157 21.07 46.48 -1.37
C LEU A 157 20.24 47.73 -1.08
N VAL A 158 19.91 47.93 0.20
CA VAL A 158 19.14 49.10 0.60
C VAL A 158 19.78 50.33 0.00
N ALA A 159 21.09 50.43 0.20
CA ALA A 159 21.92 51.54 -0.26
C ALA A 159 22.01 51.71 -1.77
N GLY A 160 22.29 50.63 -2.48
CA GLY A 160 22.36 50.72 -3.92
C GLY A 160 21.04 51.24 -4.45
N GLN A 161 19.95 50.80 -3.84
CA GLN A 161 18.64 51.24 -4.26
C GLN A 161 18.61 52.74 -4.11
N ILE A 162 18.76 53.21 -2.88
CA ILE A 162 18.76 54.63 -2.60
C ILE A 162 19.53 55.43 -3.63
N MET A 163 20.70 54.92 -4.00
CA MET A 163 21.55 55.58 -4.99
C MET A 163 20.89 55.72 -6.37
N GLN A 164 19.70 55.13 -6.53
CA GLN A 164 19.01 55.20 -7.81
C GLN A 164 17.83 56.15 -7.68
N SER A 165 17.75 56.79 -6.51
CA SER A 165 16.69 57.73 -6.17
C SER A 165 17.18 59.18 -6.02
N PRO A 166 16.26 60.15 -6.11
CA PRO A 166 16.62 61.57 -5.98
C PRO A 166 17.40 61.84 -4.69
N ALA A 167 16.94 61.25 -3.58
CA ALA A 167 17.61 61.44 -2.29
C ALA A 167 19.10 61.19 -2.50
N GLY A 168 19.42 60.60 -3.65
CA GLY A 168 20.79 60.33 -4.00
C GLY A 168 21.56 61.61 -3.78
N GLN A 169 21.27 62.62 -4.57
CA GLN A 169 21.94 63.89 -4.43
C GLN A 169 21.82 64.33 -2.99
N THR A 170 22.88 64.04 -2.24
CA THR A 170 23.08 64.30 -0.81
C THR A 170 21.97 64.88 0.05
N GLN A 171 22.38 65.58 1.11
CA GLN A 171 21.47 66.19 2.08
C GLN A 171 20.95 64.98 2.84
N GLN A 172 21.73 64.50 3.81
CA GLN A 172 21.37 63.31 4.59
C GLN A 172 20.77 62.24 3.66
N GLY A 173 20.94 62.45 2.36
CA GLY A 173 20.41 61.54 1.36
C GLY A 173 21.42 60.50 1.00
N GLN A 174 22.65 60.93 0.74
CA GLN A 174 23.70 59.98 0.41
C GLN A 174 24.25 59.40 1.70
N ALA A 175 24.29 60.23 2.73
CA ALA A 175 24.78 59.76 4.01
C ALA A 175 23.97 58.51 4.38
N LEU A 176 22.75 58.47 3.84
CA LEU A 176 21.83 57.38 4.08
C LEU A 176 22.35 56.11 3.45
N ALA A 177 22.39 56.08 2.12
CA ALA A 177 22.88 54.89 1.42
C ALA A 177 24.17 54.44 2.12
N ALA A 178 25.03 55.41 2.42
CA ALA A 178 26.30 55.14 3.09
C ALA A 178 26.06 54.42 4.41
N THR A 179 25.21 55.01 5.25
CA THR A 179 24.91 54.41 6.56
C THR A 179 24.34 53.00 6.42
N ALA A 180 23.47 52.79 5.43
CA ALA A 180 22.93 51.47 5.21
C ALA A 180 24.07 50.57 4.76
N ASN A 181 24.75 50.97 3.69
CA ASN A 181 25.86 50.20 3.18
C ASN A 181 26.96 50.01 4.22
N GLY A 182 27.05 50.93 5.17
CA GLY A 182 28.06 50.81 6.22
C GLY A 182 27.57 49.88 7.32
N ILE A 183 26.78 48.89 6.94
CA ILE A 183 26.27 47.92 7.89
C ILE A 183 26.99 46.60 7.65
N ASP A 184 27.57 46.07 8.71
CA ASP A 184 28.34 44.82 8.65
C ASP A 184 27.51 43.57 8.42
N SER A 185 28.09 42.59 7.73
CA SER A 185 27.38 41.34 7.50
C SER A 185 27.02 40.73 8.84
N ASN A 186 28.06 40.42 9.62
CA ASN A 186 27.88 39.80 10.93
C ASN A 186 26.98 40.53 11.91
N THR A 187 26.27 41.56 11.45
CA THR A 187 25.37 42.27 12.34
C THR A 187 24.23 41.30 12.58
N LYS A 188 24.27 40.60 13.71
CA LYS A 188 23.24 39.62 14.01
C LYS A 188 21.85 40.24 13.97
N THR A 189 20.94 39.62 13.24
CA THR A 189 19.57 40.12 13.10
C THR A 189 18.52 39.17 13.65
N ALA A 190 18.96 38.12 14.34
CA ALA A 190 18.04 37.14 14.90
C ALA A 190 18.73 36.04 15.68
N HIS A 191 18.46 35.95 16.98
CA HIS A 191 19.03 34.90 17.80
C HIS A 191 18.02 34.31 18.76
N LEU A 192 17.44 33.18 18.37
CA LEU A 192 16.46 32.50 19.19
C LEU A 192 16.95 31.09 19.36
N ASN A 193 17.17 30.69 20.61
CA ASN A 193 17.62 29.34 20.92
C ASN A 193 16.99 28.90 22.23
N GLY A 194 16.32 27.76 22.22
CA GLY A 194 15.68 27.27 23.42
C GLY A 194 15.46 25.77 23.46
N ASN A 195 15.08 25.28 24.63
CA ASN A 195 14.82 23.88 24.81
C ASN A 195 13.41 23.72 25.35
N GLN A 196 12.67 22.78 24.79
CA GLN A 196 11.31 22.55 25.28
C GLN A 196 10.84 21.13 24.96
N TRP A 197 9.80 20.69 25.67
CA TRP A 197 9.25 19.36 25.46
C TRP A 197 7.94 19.27 24.69
N GLY A 198 7.83 18.23 23.89
CA GLY A 198 6.63 18.04 23.10
C GLY A 198 6.00 16.72 23.52
N PHE A 199 4.68 16.62 23.32
CA PHE A 199 3.91 15.43 23.67
C PHE A 199 2.98 15.02 22.55
N GLY A 200 3.05 13.75 22.18
CA GLY A 200 2.18 13.25 21.14
C GLY A 200 1.80 11.81 21.43
N TRP A 201 0.93 11.27 20.61
CA TRP A 201 0.54 9.90 20.82
C TRP A 201 0.46 9.25 19.45
N ASN A 202 0.99 8.05 19.30
CA ASN A 202 0.90 7.39 18.01
C ASN A 202 0.20 6.05 18.23
N ALA A 203 -0.28 5.44 17.15
CA ALA A 203 -1.00 4.16 17.23
C ALA A 203 -0.75 3.29 16.00
N GLY A 204 -1.31 2.08 16.00
CA GLY A 204 -1.14 1.19 14.87
C GLY A 204 -2.06 -0.03 14.87
N ILE A 205 -2.23 -0.64 13.71
CA ILE A 205 -3.07 -1.83 13.57
C ILE A 205 -2.26 -2.86 12.79
N LEU A 206 -2.09 -4.05 13.35
CA LEU A 206 -1.33 -5.06 12.65
C LEU A 206 -2.12 -6.29 12.24
N TYR A 207 -2.33 -6.43 10.93
CA TYR A 207 -3.08 -7.55 10.37
C TYR A 207 -2.16 -8.58 9.71
N GLU A 208 -2.13 -9.82 10.18
CA GLU A 208 -1.28 -10.82 9.54
C GLU A 208 -2.08 -11.95 8.90
N LEU A 209 -1.77 -12.24 7.63
CA LEU A 209 -2.45 -13.30 6.88
C LEU A 209 -1.85 -14.64 7.23
N ASP A 210 -0.76 -14.60 7.96
CA ASP A 210 -0.08 -15.80 8.41
C ASP A 210 1.32 -15.39 8.75
N LYS A 211 2.01 -16.25 9.48
CA LYS A 211 3.36 -15.98 9.92
C LYS A 211 4.29 -15.54 8.81
N ASN A 212 3.78 -15.46 7.58
CA ASN A 212 4.60 -15.07 6.45
C ASN A 212 4.17 -13.82 5.71
N ASN A 213 2.97 -13.32 5.99
CA ASN A 213 2.46 -12.15 5.29
C ASN A 213 1.55 -11.27 6.16
N ARG A 214 1.93 -10.01 6.33
CA ARG A 214 1.13 -9.08 7.12
C ARG A 214 1.13 -7.63 6.58
N TYR A 215 0.08 -6.89 6.94
CA TYR A 215 -0.07 -5.52 6.52
C TYR A 215 -0.35 -4.62 7.68
N ALA A 216 -0.21 -3.31 7.48
CA ALA A 216 -0.41 -2.36 8.58
C ALA A 216 -0.90 -0.97 8.22
N LEU A 217 -1.40 -0.29 9.23
CA LEU A 217 -1.86 1.08 9.09
C LEU A 217 -1.52 1.72 10.43
N THR A 218 -0.56 2.63 10.41
CA THR A 218 -0.11 3.32 11.62
C THR A 218 -0.51 4.78 11.54
N TYR A 219 -0.51 5.44 12.68
CA TYR A 219 -0.87 6.86 12.70
C TYR A 219 -0.01 7.52 13.73
N ARG A 220 0.54 8.67 13.36
CA ARG A 220 1.42 9.42 14.24
C ARG A 220 0.80 10.79 14.42
N SER A 221 0.57 11.15 15.67
CA SER A 221 -0.05 12.43 15.99
C SER A 221 0.89 13.62 15.87
N GLU A 222 0.31 14.78 15.62
CA GLU A 222 1.05 16.03 15.49
C GLU A 222 1.60 16.33 16.87
N VAL A 223 2.74 17.01 16.95
CA VAL A 223 3.36 17.35 18.22
C VAL A 223 3.76 18.81 18.21
N LYS A 224 3.04 19.62 18.96
CA LYS A 224 3.32 21.05 19.04
C LYS A 224 4.33 21.26 20.14
N ILE A 225 5.37 22.01 19.83
CA ILE A 225 6.40 22.31 20.81
C ILE A 225 6.45 23.83 20.87
N ASP A 226 6.20 24.38 22.07
CA ASP A 226 6.19 25.82 22.26
C ASP A 226 7.42 26.37 23.00
N PHE A 227 8.10 27.34 22.38
CA PHE A 227 9.28 27.97 22.97
C PHE A 227 8.96 29.35 23.57
N LEU A 259 7.76 31.26 20.24
CA LEU A 259 7.65 30.59 18.94
C LEU A 259 7.19 29.15 19.13
N THR A 260 6.31 28.69 18.24
CA THR A 260 5.75 27.33 18.29
C THR A 260 6.10 26.42 17.11
N LEU A 261 6.86 25.35 17.37
CA LEU A 261 7.24 24.39 16.33
C LEU A 261 6.34 23.17 16.36
N ASN A 262 5.76 22.84 15.20
CA ASN A 262 4.87 21.70 15.09
C ASN A 262 5.44 20.57 14.23
N LEU A 263 5.63 19.42 14.84
CA LEU A 263 6.09 18.27 14.08
C LEU A 263 4.77 17.79 13.49
N PRO A 264 4.78 17.42 12.20
CA PRO A 264 3.58 16.95 11.48
C PRO A 264 2.98 15.63 11.89
N GLU A 265 1.69 15.49 11.67
CA GLU A 265 1.04 14.23 11.97
C GLU A 265 1.37 13.33 10.79
N MET A 266 1.35 12.02 11.00
CA MET A 266 1.70 11.09 9.93
C MET A 266 0.74 9.92 9.80
N TRP A 267 0.74 9.31 8.62
CA TRP A 267 -0.08 8.15 8.34
C TRP A 267 0.83 7.23 7.54
N GLU A 268 0.68 5.92 7.68
CA GLU A 268 1.52 5.01 6.91
C GLU A 268 0.92 3.61 6.76
N VAL A 269 1.15 3.01 5.60
CA VAL A 269 0.67 1.66 5.29
C VAL A 269 1.89 0.89 4.83
N SER A 270 2.08 -0.30 5.37
CA SER A 270 3.27 -1.11 5.01
C SER A 270 2.94 -2.59 4.84
N GLY A 271 3.72 -3.28 4.02
CA GLY A 271 3.48 -4.69 3.84
C GLY A 271 4.74 -5.53 3.82
N TYR A 272 4.66 -6.69 4.43
CA TYR A 272 5.79 -7.61 4.45
C TYR A 272 5.32 -8.93 3.85
N ASN A 273 6.04 -9.44 2.87
CA ASN A 273 5.68 -10.70 2.22
C ASN A 273 6.85 -11.67 2.24
N ARG A 274 6.71 -12.75 2.99
CA ARG A 274 7.81 -13.71 3.08
C ARG A 274 7.68 -14.72 1.97
N VAL A 275 7.63 -14.19 0.75
CA VAL A 275 7.48 -14.96 -0.47
C VAL A 275 8.21 -16.30 -0.62
N ASP A 276 9.29 -16.49 0.12
CA ASP A 276 10.05 -17.73 0.04
C ASP A 276 10.85 -17.88 1.32
N PRO A 277 11.39 -19.08 1.61
CA PRO A 277 12.15 -19.19 2.86
C PRO A 277 13.27 -18.18 2.93
N GLN A 278 13.87 -17.89 1.78
CA GLN A 278 14.98 -16.97 1.72
C GLN A 278 14.72 -15.59 1.15
N TRP A 279 13.54 -15.34 0.58
CA TRP A 279 13.26 -14.01 0.04
C TRP A 279 12.02 -13.37 0.59
N ALA A 280 12.10 -12.07 0.85
CA ALA A 280 10.96 -11.34 1.37
C ALA A 280 10.91 -9.94 0.75
N ILE A 281 9.74 -9.33 0.85
CA ILE A 281 9.51 -8.01 0.28
C ILE A 281 8.83 -7.13 1.30
N HIS A 282 9.23 -5.87 1.32
CA HIS A 282 8.64 -4.90 2.25
C HIS A 282 8.49 -3.61 1.51
N TYR A 283 7.43 -2.89 1.82
CA TYR A 283 7.20 -1.65 1.13
C TYR A 283 6.20 -0.85 1.95
N SER A 284 6.18 0.46 1.70
CA SER A 284 5.27 1.33 2.41
C SER A 284 5.06 2.63 1.69
N LEU A 285 3.95 3.25 2.02
CA LEU A 285 3.55 4.54 1.46
C LEU A 285 3.29 5.38 2.69
N ALA A 286 3.93 6.53 2.83
CA ALA A 286 3.66 7.33 4.01
C ALA A 286 3.17 8.71 3.61
N TYR A 287 2.20 9.21 4.36
CA TYR A 287 1.61 10.52 4.11
C TYR A 287 1.76 11.47 5.28
N THR A 288 2.08 12.71 4.98
CA THR A 288 2.25 13.72 6.01
C THR A 288 1.71 15.06 5.53
N SER A 289 0.96 15.71 6.42
CA SER A 289 0.37 17.03 6.15
C SER A 289 0.89 18.00 7.22
N TRP A 290 1.78 18.90 6.81
CA TRP A 290 2.38 19.86 7.74
C TRP A 290 1.48 21.07 8.03
N SER A 291 0.18 20.81 8.09
CA SER A 291 -0.82 21.85 8.38
C SER A 291 -0.47 23.24 7.86
N LYS A 314 0.21 22.71 2.85
CA LYS A 314 1.33 21.94 2.35
C LYS A 314 1.27 20.49 2.85
N ASP A 315 1.95 19.58 2.16
CA ASP A 315 1.95 18.16 2.52
C ASP A 315 2.84 17.36 1.58
N ALA A 316 3.35 16.21 2.04
CA ALA A 316 4.22 15.38 1.21
C ALA A 316 4.02 13.90 1.45
N TYR A 317 4.61 13.08 0.60
CA TYR A 317 4.47 11.64 0.73
C TYR A 317 5.79 10.95 0.56
N ARG A 318 5.87 9.71 1.02
CA ARG A 318 7.11 8.97 0.89
C ARG A 318 6.76 7.55 0.41
N ILE A 319 7.58 7.03 -0.49
CA ILE A 319 7.33 5.71 -1.03
C ILE A 319 8.64 4.90 -0.97
N ALA A 320 8.54 3.66 -0.50
CA ALA A 320 9.72 2.83 -0.38
C ALA A 320 9.39 1.37 -0.63
N LEU A 321 10.29 0.69 -1.32
CA LEU A 321 10.12 -0.70 -1.66
C LEU A 321 11.48 -1.34 -1.41
N GLY A 322 11.50 -2.52 -0.83
CA GLY A 322 12.78 -3.14 -0.56
C GLY A 322 12.63 -4.63 -0.46
N THR A 323 13.75 -5.32 -0.33
CA THR A 323 13.71 -6.76 -0.26
C THR A 323 14.87 -7.31 0.57
N THR A 324 14.57 -8.26 1.43
CA THR A 324 15.62 -8.86 2.24
C THR A 324 15.86 -10.25 1.72
N TYR A 325 16.99 -10.81 2.09
CA TYR A 325 17.39 -12.12 1.64
C TYR A 325 18.09 -12.81 2.79
N TYR A 326 17.53 -13.93 3.25
CA TYR A 326 18.10 -14.69 4.37
C TYR A 326 18.97 -15.86 3.89
N TYR A 327 20.16 -15.54 3.37
CA TYR A 327 21.09 -16.55 2.86
C TYR A 327 21.12 -17.81 3.72
N ASP A 328 21.43 -17.64 5.00
CA ASP A 328 21.43 -18.77 5.92
C ASP A 328 21.21 -18.27 7.34
N ASP A 329 21.35 -19.15 8.32
CA ASP A 329 21.13 -18.80 9.71
C ASP A 329 21.94 -17.62 10.23
N ASN A 330 23.12 -17.39 9.66
CA ASN A 330 23.97 -16.28 10.12
C ASN A 330 23.69 -15.02 9.32
N TRP A 331 23.96 -15.13 8.02
CA TRP A 331 23.82 -14.02 7.09
C TRP A 331 22.43 -13.66 6.63
N THR A 332 22.25 -12.37 6.36
CA THR A 332 20.99 -11.83 5.91
C THR A 332 21.32 -10.61 5.08
N PHE A 333 20.67 -10.42 3.95
CA PHE A 333 20.98 -9.26 3.14
C PHE A 333 19.78 -8.42 2.77
N ARG A 334 19.96 -7.10 2.75
CA ARG A 334 18.85 -6.23 2.42
C ARG A 334 19.19 -5.07 1.50
N THR A 335 18.28 -4.81 0.56
CA THR A 335 18.42 -3.74 -0.42
C THR A 335 17.17 -2.89 -0.36
N GLY A 336 17.29 -1.60 -0.69
CA GLY A 336 16.14 -0.72 -0.65
C GLY A 336 16.21 0.56 -1.47
N ILE A 337 15.05 0.98 -1.97
CA ILE A 337 14.90 2.19 -2.77
C ILE A 337 13.70 2.96 -2.22
N ALA A 338 13.80 4.28 -2.19
CA ALA A 338 12.71 5.10 -1.69
C ALA A 338 12.77 6.51 -2.28
N PHE A 339 11.63 7.18 -2.24
CA PHE A 339 11.52 8.53 -2.76
C PHE A 339 10.61 9.31 -1.84
N ASP A 340 11.05 10.48 -1.40
CA ASP A 340 10.16 11.28 -0.57
C ASP A 340 9.91 12.65 -1.18
N ASP A 341 8.70 12.81 -1.69
CA ASP A 341 8.23 14.03 -2.33
C ASP A 341 8.24 15.17 -1.32
N SER A 342 8.67 16.34 -1.75
CA SER A 342 8.77 17.53 -0.90
C SER A 342 7.47 18.17 -0.41
N PRO A 343 7.45 18.59 0.86
CA PRO A 343 6.28 19.22 1.50
C PRO A 343 6.29 20.74 1.29
N VAL A 344 7.31 21.24 0.61
CA VAL A 344 7.44 22.69 0.38
C VAL A 344 7.34 23.15 -1.08
N PRO A 345 6.40 24.08 -1.36
CA PRO A 345 6.15 24.65 -2.68
C PRO A 345 7.41 25.24 -3.30
N ALA A 346 7.59 24.99 -4.59
CA ALA A 346 8.77 25.48 -5.31
C ALA A 346 9.07 26.96 -5.09
N GLN A 347 8.27 27.63 -4.27
CA GLN A 347 8.48 29.04 -4.02
C GLN A 347 8.62 29.35 -2.53
N ASN A 348 8.22 28.40 -1.68
CA ASN A 348 8.33 28.62 -0.25
C ASN A 348 9.44 27.80 0.37
N ARG A 349 10.47 27.55 -0.42
CA ARG A 349 11.61 26.81 0.06
C ARG A 349 12.51 27.79 0.81
N SER A 350 13.73 27.36 1.10
CA SER A 350 14.69 28.19 1.78
C SER A 350 16.02 27.44 1.77
N ILE A 351 17.10 28.17 1.50
CA ILE A 351 18.40 27.54 1.46
C ILE A 351 18.70 27.08 2.87
N SER A 352 18.05 27.75 3.81
CA SER A 352 18.14 27.48 5.25
C SER A 352 17.72 26.07 5.63
N ILE A 353 16.57 25.64 5.12
CA ILE A 353 16.04 24.32 5.42
C ILE A 353 16.17 23.38 4.21
N PRO A 354 17.27 22.61 4.15
CA PRO A 354 17.49 21.68 3.05
C PRO A 354 16.54 20.50 3.01
N ASP A 355 15.80 20.43 1.91
CA ASP A 355 14.84 19.37 1.63
C ASP A 355 14.46 19.54 0.16
N GLN A 356 14.16 18.43 -0.50
CA GLN A 356 13.83 18.49 -1.90
C GLN A 356 13.69 17.07 -2.37
N ASP A 357 12.75 16.83 -3.27
CA ASP A 357 12.54 15.49 -3.78
C ASP A 357 13.87 14.75 -3.81
N ARG A 358 14.00 13.79 -2.91
CA ARG A 358 15.21 13.00 -2.76
C ARG A 358 14.92 11.52 -2.98
N PHE A 359 15.94 10.80 -3.45
CA PHE A 359 15.81 9.36 -3.68
C PHE A 359 16.74 8.64 -2.72
N TRP A 360 16.54 7.35 -2.56
CA TRP A 360 17.36 6.57 -1.64
C TRP A 360 17.81 5.24 -2.21
N LEU A 361 19.08 4.92 -2.03
CA LEU A 361 19.64 3.63 -2.44
C LEU A 361 20.14 3.03 -1.14
N SER A 362 19.85 1.76 -0.89
CA SER A 362 20.29 1.16 0.36
C SER A 362 20.76 -0.29 0.27
N ALA A 363 21.54 -0.68 1.26
CA ALA A 363 22.05 -2.05 1.37
C ALA A 363 22.52 -2.30 2.81
N GLY A 364 22.04 -3.39 3.39
CA GLY A 364 22.43 -3.72 4.73
C GLY A 364 22.72 -5.19 4.88
N THR A 365 23.38 -5.56 5.97
CA THR A 365 23.69 -6.95 6.22
C THR A 365 23.48 -7.26 7.71
N THR A 366 23.22 -8.52 7.99
CA THR A 366 22.99 -8.94 9.34
C THR A 366 23.64 -10.24 9.67
N TYR A 367 24.60 -10.18 10.59
CA TYR A 367 25.28 -11.37 11.03
C TYR A 367 24.65 -11.74 12.38
N ALA A 368 24.30 -13.01 12.53
CA ALA A 368 23.72 -13.48 13.78
C ALA A 368 24.80 -14.34 14.43
N PHE A 369 25.34 -13.88 15.55
CA PHE A 369 26.41 -14.64 16.21
C PHE A 369 25.85 -15.96 16.74
N ASN A 370 24.56 -15.96 17.04
CA ASN A 370 23.85 -17.11 17.54
C ASN A 370 22.52 -16.75 18.15
N LYS A 371 21.51 -17.49 17.68
CA LYS A 371 20.10 -17.40 18.08
C LYS A 371 19.63 -16.29 19.00
N ASP A 372 20.51 -15.78 19.85
CA ASP A 372 20.14 -14.71 20.79
C ASP A 372 20.58 -13.31 20.40
N ALA A 373 21.77 -13.20 19.81
CA ALA A 373 22.29 -11.91 19.44
C ALA A 373 22.69 -11.82 17.97
N SER A 374 22.80 -10.59 17.48
CA SER A 374 23.16 -10.33 16.10
C SER A 374 23.39 -8.84 15.94
N VAL A 375 24.19 -8.47 14.95
CA VAL A 375 24.46 -7.06 14.70
C VAL A 375 24.06 -6.68 13.26
N ASP A 376 23.51 -5.48 13.13
CA ASP A 376 23.06 -4.97 11.84
C ASP A 376 23.94 -3.84 11.36
N VAL A 377 24.32 -3.91 10.08
CA VAL A 377 25.13 -2.87 9.47
C VAL A 377 24.38 -2.36 8.25
N GLY A 378 24.21 -1.04 8.18
CA GLY A 378 23.47 -0.47 7.08
C GLY A 378 24.17 0.69 6.40
N VAL A 379 23.99 0.74 5.08
CA VAL A 379 24.57 1.77 4.24
C VAL A 379 23.41 2.42 3.49
N SER A 380 23.48 3.73 3.24
CA SER A 380 22.40 4.39 2.54
C SER A 380 22.84 5.72 1.91
N TYR A 381 22.66 5.85 0.60
CA TYR A 381 23.03 7.06 -0.11
C TYR A 381 21.78 7.83 -0.58
N MET A 382 21.72 9.13 -0.31
CA MET A 382 20.58 9.92 -0.75
C MET A 382 21.08 10.93 -1.77
N HIS A 383 20.47 10.97 -2.95
CA HIS A 383 20.89 11.95 -3.94
C HIS A 383 19.73 12.94 -4.00
N GLY A 384 20.05 14.22 -4.16
CA GLY A 384 18.99 15.21 -4.21
C GLY A 384 18.78 15.85 -5.58
N GLN A 385 17.55 16.23 -5.86
CA GLN A 385 17.25 16.88 -7.12
C GLN A 385 17.74 18.32 -6.96
N SER A 386 18.58 18.77 -7.88
CA SER A 386 19.09 20.14 -7.83
C SER A 386 17.97 21.13 -8.14
N VAL A 387 17.69 22.03 -7.21
CA VAL A 387 16.62 22.97 -7.40
C VAL A 387 17.04 24.42 -7.52
N LYS A 388 16.03 25.30 -7.61
CA LYS A 388 16.22 26.74 -7.74
C LYS A 388 15.43 27.46 -6.66
N ILE A 389 16.11 28.11 -5.74
CA ILE A 389 15.38 28.83 -4.69
C ILE A 389 15.41 30.35 -4.92
N ASN A 390 14.28 31.01 -4.68
CA ASN A 390 14.18 32.46 -4.83
C ASN A 390 13.87 33.12 -3.49
N GLU A 391 14.63 32.83 -2.45
CA GLU A 391 14.36 33.40 -1.12
C GLU A 391 14.73 34.89 -0.98
N GLY A 392 13.81 35.69 -0.41
CA GLY A 392 14.05 37.11 -0.22
C GLY A 392 14.37 37.80 -1.54
N PRO A 393 15.32 38.76 -1.57
CA PRO A 393 15.69 39.47 -2.80
C PRO A 393 16.71 38.62 -3.53
N TYR A 394 17.03 37.48 -2.93
CA TYR A 394 18.00 36.58 -3.50
C TYR A 394 17.40 35.44 -4.29
N GLN A 395 18.28 34.77 -5.02
CA GLN A 395 17.94 33.62 -5.83
C GLN A 395 19.18 32.73 -5.75
N PHE A 396 19.00 31.53 -5.21
CA PHE A 396 20.12 30.61 -5.06
C PHE A 396 19.85 29.35 -5.86
N GLU A 397 20.71 28.37 -5.65
CA GLU A 397 20.61 27.06 -6.29
C GLU A 397 21.17 26.07 -5.29
N SER A 398 20.36 25.09 -4.92
CA SER A 398 20.77 24.11 -3.93
C SER A 398 20.88 22.66 -4.37
N GLU A 399 22.07 22.09 -4.28
CA GLU A 399 22.28 20.68 -4.61
C GLU A 399 22.59 20.03 -3.27
N GLY A 400 22.62 18.70 -3.24
CA GLY A 400 22.92 18.02 -1.99
C GLY A 400 22.62 16.53 -2.01
N LYS A 401 23.67 15.73 -1.81
CA LYS A 401 23.53 14.29 -1.75
C LYS A 401 23.87 13.98 -0.30
N ALA A 402 24.04 12.71 0.04
CA ALA A 402 24.40 12.36 1.41
C ALA A 402 24.67 10.87 1.62
N TRP A 403 25.49 10.54 2.61
CA TRP A 403 25.79 9.15 2.92
C TRP A 403 25.40 8.81 4.34
N LEU A 404 24.86 7.61 4.53
CA LEU A 404 24.44 7.14 5.84
C LEU A 404 25.11 5.82 6.19
N PHE A 405 25.73 5.76 7.36
CA PHE A 405 26.35 4.53 7.86
C PHE A 405 25.55 4.15 9.12
N GLY A 406 25.28 2.86 9.32
CA GLY A 406 24.52 2.50 10.51
C GLY A 406 24.78 1.13 11.09
N THR A 407 24.81 1.05 12.41
CA THR A 407 25.01 -0.23 13.07
C THR A 407 24.08 -0.37 14.24
N ASN A 408 23.72 -1.62 14.52
CA ASN A 408 22.84 -1.96 15.63
C ASN A 408 23.16 -3.36 16.06
N PHE A 409 23.11 -3.59 17.36
CA PHE A 409 23.35 -4.90 17.94
C PHE A 409 22.03 -5.20 18.65
N ASN A 410 21.54 -6.44 18.55
CA ASN A 410 20.30 -6.81 19.23
C ASN A 410 20.54 -8.08 20.00
N TYR A 411 19.84 -8.20 21.13
CA TYR A 411 19.97 -9.36 22.00
C TYR A 411 18.59 -9.80 22.54
N ALA A 412 18.45 -11.12 22.73
CA ALA A 412 17.21 -11.71 23.24
C ALA A 412 17.48 -12.29 24.62
N PHE A 413 16.48 -12.25 25.51
CA PHE A 413 16.69 -12.78 26.87
C PHE A 413 16.25 -14.22 27.06
N ALA B 1 -13.77 -3.39 -6.29
CA ALA B 1 -12.89 -2.24 -5.84
C ALA B 1 -13.53 -0.83 -5.67
N GLY B 2 -14.72 -0.77 -5.09
CA GLY B 2 -15.35 0.52 -4.83
C GLY B 2 -16.45 1.04 -5.74
N SER B 3 -16.19 2.18 -6.35
CA SER B 3 -17.15 2.78 -7.27
C SER B 3 -17.52 1.77 -8.33
N GLY B 4 -16.52 1.05 -8.83
CA GLY B 4 -16.73 0.06 -9.87
C GLY B 4 -17.87 -0.90 -9.54
N LEU B 5 -18.05 -1.21 -8.25
CA LEU B 5 -19.11 -2.12 -7.83
C LEU B 5 -20.51 -1.56 -8.15
N GLY B 6 -20.67 -0.25 -8.00
CA GLY B 6 -21.95 0.37 -8.27
C GLY B 6 -22.21 0.57 -9.75
N ARG B 7 -21.19 0.41 -10.57
CA ARG B 7 -21.37 0.60 -12.00
C ARG B 7 -21.33 -0.77 -12.68
N ALA B 8 -21.41 -1.82 -11.87
CA ALA B 8 -21.38 -3.20 -12.35
C ALA B 8 -20.05 -3.51 -13.07
N TYR B 9 -19.08 -2.61 -12.92
CA TYR B 9 -17.78 -2.77 -13.53
C TYR B 9 -17.84 -2.60 -15.03
N SER B 10 -18.63 -1.61 -15.44
CA SER B 10 -18.80 -1.31 -16.85
C SER B 10 -17.79 -0.29 -17.36
N GLY B 11 -16.83 -0.76 -18.15
CA GLY B 11 -15.84 0.13 -18.71
C GLY B 11 -14.70 0.38 -17.76
N GLU B 12 -14.50 -0.55 -16.83
CA GLU B 12 -13.43 -0.38 -15.88
C GLU B 12 -12.11 0.03 -16.50
N GLY B 13 -11.91 -0.29 -17.76
CA GLY B 13 -10.66 0.03 -18.41
C GLY B 13 -10.61 1.32 -19.20
N ALA B 14 -11.44 2.29 -18.82
CA ALA B 14 -11.47 3.58 -19.50
C ALA B 14 -11.96 4.69 -18.59
N ILE B 15 -12.47 4.34 -17.43
CA ILE B 15 -12.93 5.32 -16.47
C ILE B 15 -11.71 5.79 -15.71
N ALA B 16 -11.70 7.05 -15.27
CA ALA B 16 -10.56 7.58 -14.55
C ALA B 16 -10.90 8.57 -13.45
N ASP B 17 -12.09 8.47 -12.89
CA ASP B 17 -12.47 9.40 -11.85
C ASP B 17 -11.82 9.08 -10.48
N ASP B 18 -11.19 7.92 -10.34
CA ASP B 18 -10.50 7.62 -9.10
C ASP B 18 -9.43 6.61 -9.42
N ALA B 19 -8.35 6.60 -8.65
CA ALA B 19 -7.22 5.70 -8.89
C ALA B 19 -7.50 4.20 -8.96
N GLY B 20 -8.70 3.81 -8.56
CA GLY B 20 -9.05 2.40 -8.55
C GLY B 20 -8.77 1.67 -9.84
N ASN B 21 -9.11 2.32 -10.94
CA ASN B 21 -8.98 1.78 -12.29
C ASN B 21 -7.61 1.46 -12.84
N VAL B 22 -6.58 2.15 -12.38
CA VAL B 22 -5.27 1.88 -12.92
C VAL B 22 -4.89 0.42 -12.80
N SER B 23 -5.41 -0.26 -11.78
CA SER B 23 -5.09 -1.66 -11.59
C SER B 23 -5.78 -2.50 -12.64
N ARG B 24 -6.80 -1.94 -13.26
CA ARG B 24 -7.55 -2.66 -14.27
C ARG B 24 -6.97 -2.33 -15.65
N ASN B 25 -6.38 -1.14 -15.78
CA ASN B 25 -5.76 -0.73 -17.03
C ASN B 25 -4.63 0.28 -16.83
N PRO B 26 -3.39 -0.22 -16.73
CA PRO B 26 -2.15 0.53 -16.52
C PRO B 26 -1.98 1.79 -17.38
N ALA B 27 -2.49 1.73 -18.60
CA ALA B 27 -2.37 2.90 -19.45
C ALA B 27 -3.11 4.07 -18.82
N LEU B 28 -4.21 3.80 -18.12
CA LEU B 28 -4.97 4.87 -17.48
C LEU B 28 -4.14 5.70 -16.50
N ILE B 29 -2.87 5.35 -16.30
CA ILE B 29 -2.03 6.12 -15.38
C ILE B 29 -1.87 7.57 -15.87
N THR B 30 -1.62 7.71 -17.17
CA THR B 30 -1.39 9.00 -17.81
C THR B 30 -2.65 9.79 -17.77
N MET B 31 -3.49 9.49 -16.78
CA MET B 31 -4.74 10.19 -16.65
C MET B 31 -4.79 10.94 -15.32
N PHE B 32 -3.69 10.93 -14.57
CA PHE B 32 -3.68 11.62 -13.29
C PHE B 32 -2.64 12.70 -13.13
N ASP B 33 -3.09 13.86 -12.62
CA ASP B 33 -2.28 15.04 -12.38
C ASP B 33 -1.45 14.94 -11.13
N ARG B 34 -2.13 14.74 -10.01
CA ARG B 34 -1.49 14.64 -8.71
C ARG B 34 -1.67 13.26 -8.09
N PRO B 35 -0.67 12.80 -7.30
CA PRO B 35 -0.80 11.47 -6.68
C PRO B 35 -2.19 11.30 -6.10
N THR B 36 -2.78 10.14 -6.36
CA THR B 36 -4.11 9.86 -5.83
C THR B 36 -4.03 8.53 -5.13
N PHE B 37 -4.76 8.43 -4.03
CA PHE B 37 -4.76 7.20 -3.27
C PHE B 37 -6.19 6.81 -2.95
N SER B 38 -6.47 5.52 -2.93
CA SER B 38 -7.82 5.06 -2.63
C SER B 38 -7.76 3.72 -1.94
N ALA B 39 -8.62 3.54 -0.94
CA ALA B 39 -8.66 2.27 -0.23
C ALA B 39 -10.10 1.99 0.20
N GLY B 40 -10.37 0.72 0.48
CA GLY B 40 -11.70 0.34 0.89
C GLY B 40 -11.90 -1.15 0.81
N ALA B 41 -13.16 -1.57 0.85
CA ALA B 41 -13.46 -2.97 0.76
C ALA B 41 -14.87 -3.22 0.27
N VAL B 42 -15.10 -4.48 -0.07
CA VAL B 42 -16.38 -4.94 -0.56
C VAL B 42 -16.76 -6.09 0.33
N TYR B 43 -17.93 -5.99 0.95
CA TYR B 43 -18.43 -7.05 1.80
C TYR B 43 -19.26 -7.92 0.87
N ILE B 44 -18.94 -9.20 0.79
CA ILE B 44 -19.66 -10.13 -0.09
C ILE B 44 -20.52 -11.14 0.66
N ASP B 45 -21.81 -11.14 0.40
CA ASP B 45 -22.69 -12.08 1.07
C ASP B 45 -23.51 -12.88 0.05
N PRO B 46 -23.14 -14.17 -0.16
CA PRO B 46 -23.80 -15.08 -1.10
C PRO B 46 -24.97 -15.85 -0.52
N ASP B 47 -25.53 -16.71 -1.38
CA ASP B 47 -26.66 -17.58 -1.02
C ASP B 47 -26.71 -18.76 -2.00
N VAL B 48 -25.70 -19.62 -1.93
CA VAL B 48 -25.65 -20.79 -2.80
C VAL B 48 -26.41 -21.89 -2.08
N ASN B 49 -27.23 -22.61 -2.84
CA ASN B 49 -28.06 -23.69 -2.31
C ASN B 49 -28.17 -24.90 -3.21
N ILE B 50 -27.55 -26.00 -2.79
CA ILE B 50 -27.64 -27.24 -3.55
C ILE B 50 -28.90 -27.99 -3.10
N SER B 51 -29.51 -28.74 -4.00
CA SER B 51 -30.73 -29.50 -3.68
C SER B 51 -30.80 -30.86 -4.37
N GLY B 52 -31.92 -31.57 -4.20
CA GLY B 52 -32.07 -32.87 -4.82
C GLY B 52 -31.74 -34.04 -3.88
N THR B 53 -31.68 -35.25 -4.45
CA THR B 53 -31.42 -36.46 -3.66
C THR B 53 -30.42 -37.43 -4.28
N SER B 54 -30.06 -38.46 -3.53
CA SER B 54 -29.11 -39.46 -4.01
C SER B 54 -29.75 -40.81 -4.33
N PRO B 55 -29.03 -41.68 -5.03
CA PRO B 55 -29.61 -42.98 -5.35
C PRO B 55 -29.54 -43.80 -4.07
N SER B 56 -28.97 -43.19 -3.04
CA SER B 56 -28.84 -43.81 -1.73
C SER B 56 -30.10 -43.40 -0.98
N GLY B 57 -30.86 -42.51 -1.59
CA GLY B 57 -32.07 -42.04 -0.96
C GLY B 57 -31.73 -40.97 0.05
N ARG B 58 -30.45 -40.80 0.33
CA ARG B 58 -30.07 -39.79 1.29
C ARG B 58 -30.13 -38.42 0.64
N SER B 59 -30.48 -37.42 1.43
CA SER B 59 -30.60 -36.06 0.95
C SER B 59 -29.28 -35.49 0.45
N LEU B 60 -29.38 -34.75 -0.66
CA LEU B 60 -28.24 -34.08 -1.26
C LEU B 60 -28.54 -32.60 -1.15
N LYS B 61 -29.40 -32.24 -0.19
CA LYS B 61 -29.75 -30.85 0.06
C LYS B 61 -28.67 -30.22 0.95
N ALA B 62 -28.29 -28.99 0.59
CA ALA B 62 -27.27 -28.23 1.31
C ALA B 62 -27.56 -26.72 1.19
N ASP B 63 -28.07 -26.11 2.25
CA ASP B 63 -28.38 -24.69 2.24
C ASP B 63 -27.12 -23.86 2.55
N ASN B 64 -27.08 -22.67 1.98
CA ASN B 64 -25.96 -21.76 2.18
C ASN B 64 -24.60 -22.46 2.30
N ILE B 65 -23.93 -22.69 1.17
CA ILE B 65 -22.62 -23.34 1.18
C ILE B 65 -21.52 -22.34 0.87
N ALA B 66 -21.90 -21.10 0.58
CA ALA B 66 -20.95 -20.04 0.27
C ALA B 66 -20.98 -19.02 1.39
N PRO B 67 -19.87 -18.89 2.12
CA PRO B 67 -19.64 -17.98 3.26
C PRO B 67 -19.59 -16.50 2.90
N THR B 68 -19.63 -15.64 3.90
CA THR B 68 -19.53 -14.23 3.61
C THR B 68 -18.07 -13.97 3.37
N ALA B 69 -17.75 -12.77 2.92
CA ALA B 69 -16.36 -12.42 2.66
C ALA B 69 -16.18 -10.93 2.66
N TRP B 70 -15.00 -10.51 3.09
CA TRP B 70 -14.66 -9.10 3.11
C TRP B 70 -13.46 -9.02 2.18
N VAL B 71 -13.54 -8.13 1.20
CA VAL B 71 -12.44 -7.95 0.25
C VAL B 71 -11.95 -6.51 0.22
N PRO B 72 -10.69 -6.31 0.60
CA PRO B 72 -10.00 -5.02 0.65
C PRO B 72 -9.42 -4.69 -0.71
N ASN B 73 -9.15 -3.40 -0.94
CA ASN B 73 -8.54 -2.93 -2.18
C ASN B 73 -7.79 -1.67 -1.81
N MET B 74 -6.61 -1.48 -2.40
CA MET B 74 -5.84 -0.31 -2.08
C MET B 74 -5.00 0.06 -3.27
N HIS B 75 -5.27 1.25 -3.81
CA HIS B 75 -4.56 1.73 -4.98
C HIS B 75 -3.89 3.09 -4.75
N PHE B 76 -2.68 3.21 -5.30
CA PHE B 76 -1.92 4.44 -5.25
C PHE B 76 -1.41 4.71 -6.66
N VAL B 77 -1.56 5.97 -7.09
CA VAL B 77 -1.15 6.41 -8.42
C VAL B 77 -0.54 7.80 -8.37
N ALA B 78 0.53 8.01 -9.14
CA ALA B 78 1.19 9.33 -9.18
C ALA B 78 2.00 9.56 -10.44
N PRO B 79 2.03 10.81 -10.91
CA PRO B 79 2.78 11.17 -12.12
C PRO B 79 4.27 11.28 -11.82
N ILE B 80 5.09 11.05 -12.83
CA ILE B 80 6.53 11.14 -12.67
C ILE B 80 7.03 12.40 -13.36
N ASN B 81 6.71 12.53 -14.64
CA ASN B 81 7.09 13.68 -15.44
C ASN B 81 6.03 13.72 -16.52
N ASP B 82 5.84 14.87 -17.15
CA ASP B 82 4.81 15.00 -18.18
C ASP B 82 4.53 13.80 -19.10
N GLN B 83 5.45 12.83 -19.16
CA GLN B 83 5.24 11.67 -20.02
C GLN B 83 5.22 10.32 -19.31
N PHE B 84 5.46 10.33 -18.00
CA PHE B 84 5.45 9.08 -17.23
C PHE B 84 4.71 9.17 -15.90
N GLY B 85 4.25 8.02 -15.43
CA GLY B 85 3.54 7.91 -14.17
C GLY B 85 3.70 6.48 -13.74
N TRP B 86 3.42 6.18 -12.48
CA TRP B 86 3.55 4.81 -11.97
C TRP B 86 2.44 4.57 -10.94
N GLY B 87 2.30 3.32 -10.51
CA GLY B 87 1.28 3.05 -9.51
C GLY B 87 1.31 1.63 -8.97
N ALA B 88 0.69 1.45 -7.81
CA ALA B 88 0.64 0.13 -7.22
C ALA B 88 -0.72 -0.13 -6.60
N SER B 89 -1.02 -1.40 -6.39
CA SER B 89 -2.29 -1.76 -5.82
C SER B 89 -2.25 -3.11 -5.16
N ILE B 90 -3.23 -3.32 -4.28
CA ILE B 90 -3.39 -4.57 -3.59
C ILE B 90 -4.87 -4.86 -3.72
N THR B 91 -5.23 -5.89 -4.48
CA THR B 91 -6.63 -6.26 -4.65
C THR B 91 -6.75 -7.77 -4.68
N SER B 92 -7.88 -8.24 -5.20
CA SER B 92 -8.16 -9.67 -5.35
C SER B 92 -8.99 -9.89 -6.62
N ASN B 93 -8.54 -10.80 -7.49
CA ASN B 93 -9.25 -11.03 -8.74
C ASN B 93 -9.96 -12.37 -8.86
N TYR B 94 -9.57 -13.31 -8.00
CA TYR B 94 -10.19 -14.64 -8.00
C TYR B 94 -10.35 -15.08 -6.57
N GLY B 95 -11.30 -15.99 -6.37
CA GLY B 95 -11.58 -16.51 -5.06
C GLY B 95 -12.65 -17.58 -5.17
N LEU B 96 -13.12 -18.09 -4.04
CA LEU B 96 -14.12 -19.13 -4.09
C LEU B 96 -14.25 -19.79 -2.72
N ALA B 97 -15.47 -19.79 -2.18
CA ALA B 97 -15.73 -20.37 -0.88
C ALA B 97 -16.95 -21.25 -0.94
N THR B 98 -16.79 -22.50 -0.52
CA THR B 98 -17.88 -23.47 -0.53
C THR B 98 -17.72 -24.40 0.67
N GLU B 99 -18.78 -24.57 1.45
CA GLU B 99 -18.67 -25.44 2.62
C GLU B 99 -19.94 -26.22 2.97
N PHE B 100 -19.84 -27.54 2.88
CA PHE B 100 -20.94 -28.43 3.22
C PHE B 100 -20.54 -29.06 4.54
N ASN B 101 -21.41 -29.87 5.14
CA ASN B 101 -21.07 -30.56 6.37
C ASN B 101 -20.18 -31.69 5.92
N ASP B 102 -19.48 -32.32 6.86
CA ASP B 102 -18.63 -33.44 6.49
C ASP B 102 -19.48 -34.70 6.48
N THR B 103 -20.74 -34.57 6.90
CA THR B 103 -21.64 -35.72 6.90
C THR B 103 -22.57 -35.70 5.69
N TYR B 104 -22.43 -34.67 4.86
CA TYR B 104 -23.23 -34.52 3.64
C TYR B 104 -23.09 -35.76 2.76
N ALA B 105 -24.20 -36.17 2.16
CA ALA B 105 -24.22 -37.35 1.30
C ALA B 105 -23.29 -37.28 0.07
N GLY B 106 -23.16 -36.10 -0.54
CA GLY B 106 -22.29 -35.97 -1.69
C GLY B 106 -20.90 -35.53 -1.26
N GLY B 107 -20.61 -35.73 0.02
CA GLY B 107 -19.33 -35.33 0.58
C GLY B 107 -18.10 -35.51 -0.26
N SER B 108 -18.13 -36.43 -1.23
CA SER B 108 -16.96 -36.64 -2.09
C SER B 108 -16.83 -35.54 -3.13
N VAL B 109 -17.96 -35.05 -3.61
CA VAL B 109 -17.94 -34.01 -4.61
C VAL B 109 -18.42 -32.70 -4.02
N GLY B 110 -18.15 -32.48 -2.74
CA GLY B 110 -18.59 -31.22 -2.16
C GLY B 110 -18.28 -31.12 -0.68
N GLY B 111 -17.00 -31.12 -0.32
CA GLY B 111 -16.62 -31.02 1.07
C GLY B 111 -16.38 -29.57 1.42
N THR B 112 -15.11 -29.19 1.47
CA THR B 112 -14.69 -27.81 1.75
C THR B 112 -13.90 -27.36 0.54
N THR B 113 -14.09 -26.11 0.13
CA THR B 113 -13.38 -25.57 -1.01
C THR B 113 -13.06 -24.09 -0.80
N ASP B 114 -11.80 -23.81 -0.48
CA ASP B 114 -11.37 -22.44 -0.26
C ASP B 114 -10.28 -22.03 -1.20
N LEU B 115 -10.29 -20.76 -1.56
CA LEU B 115 -9.28 -20.25 -2.46
C LEU B 115 -9.27 -18.73 -2.38
N GLU B 116 -8.21 -18.19 -1.77
CA GLU B 116 -8.09 -16.76 -1.64
C GLU B 116 -6.94 -16.29 -2.50
N THR B 117 -7.13 -15.14 -3.13
CA THR B 117 -6.11 -14.57 -3.98
C THR B 117 -5.77 -13.16 -3.55
N MET B 118 -4.47 -12.88 -3.46
CA MET B 118 -4.04 -11.54 -3.12
C MET B 118 -3.17 -11.11 -4.27
N ASN B 119 -3.57 -10.05 -4.94
CA ASN B 119 -2.79 -9.56 -6.06
C ASN B 119 -2.05 -8.30 -5.70
N LEU B 120 -0.74 -8.36 -5.85
CA LEU B 120 0.12 -7.23 -5.58
C LEU B 120 0.49 -6.68 -6.94
N ASN B 121 0.05 -5.47 -7.25
CA ASN B 121 0.41 -4.89 -8.53
C ASN B 121 1.19 -3.58 -8.54
N LEU B 122 2.18 -3.56 -9.42
CA LEU B 122 3.05 -2.41 -9.61
C LEU B 122 3.14 -2.28 -11.11
N SER B 123 3.06 -1.06 -11.59
CA SER B 123 3.13 -0.87 -13.02
C SER B 123 3.31 0.56 -13.43
N GLY B 124 3.67 0.75 -14.69
CA GLY B 124 3.86 2.08 -15.17
C GLY B 124 3.27 2.23 -16.55
N ALA B 125 3.25 3.46 -17.04
CA ALA B 125 2.71 3.74 -18.36
C ALA B 125 3.43 4.93 -18.94
N TYR B 126 3.40 5.02 -20.26
CA TYR B 126 4.04 6.10 -20.97
C TYR B 126 3.00 6.78 -21.86
N ARG B 127 2.91 8.10 -21.78
CA ARG B 127 1.97 8.81 -22.63
C ARG B 127 2.70 9.18 -23.89
N LEU B 128 2.18 8.74 -25.03
CA LEU B 128 2.81 9.01 -26.32
C LEU B 128 2.41 10.32 -26.96
N ASN B 129 1.39 10.98 -26.41
CA ASN B 129 0.92 12.27 -26.90
C ASN B 129 -0.48 12.55 -26.39
N ASN B 130 -1.16 13.50 -26.99
CA ASN B 130 -2.49 13.83 -26.54
C ASN B 130 -3.51 12.70 -26.62
N ALA B 131 -3.33 11.75 -27.53
CA ALA B 131 -4.29 10.67 -27.69
C ALA B 131 -3.91 9.34 -27.06
N TRP B 132 -2.86 8.74 -27.59
CA TRP B 132 -2.44 7.42 -27.11
C TRP B 132 -1.53 7.36 -25.88
N SER B 133 -1.69 6.26 -25.13
CA SER B 133 -0.91 6.01 -23.93
C SER B 133 -0.79 4.52 -23.79
N PHE B 134 0.29 4.06 -23.16
CA PHE B 134 0.52 2.63 -22.98
C PHE B 134 1.05 2.27 -21.58
N GLY B 135 0.60 1.13 -21.06
CA GLY B 135 1.05 0.72 -19.74
C GLY B 135 1.44 -0.73 -19.65
N LEU B 136 2.37 -1.03 -18.74
CA LEU B 136 2.82 -2.38 -18.52
C LEU B 136 2.83 -2.62 -17.02
N GLY B 137 2.34 -3.80 -16.61
CA GLY B 137 2.27 -4.15 -15.20
C GLY B 137 2.75 -5.55 -14.80
N PHE B 138 3.35 -5.63 -13.62
CA PHE B 138 3.88 -6.88 -13.05
C PHE B 138 2.95 -7.24 -11.90
N ASN B 139 2.72 -8.54 -11.71
CA ASN B 139 1.83 -9.01 -10.63
C ASN B 139 2.36 -10.13 -9.74
N ALA B 140 2.05 -10.00 -8.45
CA ALA B 140 2.45 -10.97 -7.46
C ALA B 140 1.16 -11.52 -6.95
N VAL B 141 0.97 -12.84 -7.03
CA VAL B 141 -0.28 -13.42 -6.55
C VAL B 141 -0.09 -14.39 -5.43
N TYR B 142 -0.68 -14.08 -4.29
CA TYR B 142 -0.58 -14.96 -3.15
C TYR B 142 -1.86 -15.77 -3.15
N ALA B 143 -1.68 -17.08 -3.20
CA ALA B 143 -2.81 -18.00 -3.20
C ALA B 143 -2.72 -18.97 -2.05
N ARG B 144 -3.85 -19.13 -1.40
CA ARG B 144 -4.00 -20.03 -0.28
C ARG B 144 -5.17 -20.92 -0.69
N ALA B 145 -4.87 -22.19 -0.92
CA ALA B 145 -5.89 -23.15 -1.33
C ALA B 145 -6.14 -24.09 -0.18
N LYS B 146 -7.38 -24.57 -0.09
CA LYS B 146 -7.80 -25.51 0.96
C LYS B 146 -8.84 -26.43 0.31
N ILE B 147 -8.54 -27.71 0.23
CA ILE B 147 -9.49 -28.61 -0.39
C ILE B 147 -9.77 -29.89 0.37
N GLU B 148 -10.94 -29.92 1.03
CA GLU B 148 -11.38 -31.10 1.78
C GLU B 148 -12.49 -31.87 1.07
N ARG B 149 -12.49 -33.19 1.27
CA ARG B 149 -13.48 -34.11 0.69
C ARG B 149 -13.64 -35.34 1.58
N PHE B 150 -14.83 -35.91 1.58
CA PHE B 150 -15.14 -37.11 2.38
C PHE B 150 -15.92 -38.05 1.47
N ALA B 151 -16.21 -39.25 1.96
CA ALA B 151 -16.97 -40.20 1.16
C ALA B 151 -18.39 -40.20 1.67
N GLY B 152 -19.26 -39.41 1.05
CA GLY B 152 -20.63 -39.34 1.51
C GLY B 152 -21.28 -40.72 1.50
N ASP B 153 -22.42 -40.81 0.83
CA ASP B 153 -23.09 -42.07 0.77
C ASP B 153 -22.41 -42.91 -0.29
N LEU B 154 -21.09 -42.82 -0.36
CA LEU B 154 -20.38 -43.59 -1.36
C LEU B 154 -20.31 -45.07 -1.05
N GLY B 155 -19.93 -45.39 0.18
CA GLY B 155 -19.85 -46.80 0.59
C GLY B 155 -21.21 -47.46 0.52
N GLN B 156 -22.25 -46.68 0.78
CA GLN B 156 -23.60 -47.19 0.71
C GLN B 156 -23.86 -47.59 -0.73
N LEU B 157 -23.56 -46.66 -1.65
CA LEU B 157 -23.77 -46.91 -3.07
C LEU B 157 -23.02 -48.17 -3.48
N VAL B 158 -21.72 -48.22 -3.17
CA VAL B 158 -20.89 -49.38 -3.49
C VAL B 158 -21.61 -50.63 -3.03
N ALA B 159 -22.05 -50.58 -1.76
CA ALA B 159 -22.75 -51.67 -1.08
C ALA B 159 -24.11 -52.06 -1.68
N GLY B 160 -24.95 -51.06 -1.91
CA GLY B 160 -26.25 -51.35 -2.50
C GLY B 160 -26.05 -52.06 -3.81
N GLN B 161 -25.03 -51.62 -4.56
CA GLN B 161 -24.75 -52.23 -5.84
C GLN B 161 -24.48 -53.69 -5.58
N ILE B 162 -23.42 -53.96 -4.82
CA ILE B 162 -23.05 -55.33 -4.49
C ILE B 162 -24.26 -56.20 -4.17
N MET B 163 -25.17 -55.65 -3.39
CA MET B 163 -26.37 -56.37 -2.99
C MET B 163 -27.27 -56.75 -4.18
N GLN B 164 -26.90 -56.30 -5.37
CA GLN B 164 -27.69 -56.62 -6.56
C GLN B 164 -26.94 -57.64 -7.40
N SER B 165 -25.82 -58.10 -6.84
CA SER B 165 -24.95 -59.08 -7.49
C SER B 165 -24.92 -60.44 -6.78
N PRO B 166 -24.48 -61.49 -7.49
CA PRO B 166 -24.41 -62.83 -6.91
C PRO B 166 -23.61 -62.85 -5.60
N ALA B 167 -22.49 -62.16 -5.58
CA ALA B 167 -21.66 -62.09 -4.38
C ALA B 167 -22.56 -61.75 -3.20
N GLY B 168 -23.77 -61.31 -3.53
CA GLY B 168 -24.75 -60.97 -2.52
C GLY B 168 -24.80 -62.13 -1.56
N GLN B 169 -25.28 -63.27 -2.03
CA GLN B 169 -25.36 -64.44 -1.19
C GLN B 169 -23.99 -64.68 -0.57
N THR B 170 -23.87 -64.20 0.65
CA THR B 170 -22.67 -64.23 1.51
C THR B 170 -21.34 -64.77 1.02
N GLN B 171 -20.55 -65.27 1.97
CA GLN B 171 -19.22 -65.80 1.69
C GLN B 171 -18.41 -64.56 1.40
N GLN B 172 -17.96 -63.88 2.47
CA GLN B 172 -17.21 -62.62 2.35
C GLN B 172 -17.84 -61.75 1.25
N GLY B 173 -19.05 -62.14 0.81
CA GLY B 173 -19.75 -61.43 -0.24
C GLY B 173 -20.64 -60.36 0.34
N GLN B 174 -21.41 -60.72 1.36
CA GLN B 174 -22.28 -59.74 2.00
C GLN B 174 -21.45 -58.94 2.98
N ALA B 175 -20.49 -59.60 3.61
CA ALA B 175 -19.64 -58.91 4.55
C ALA B 175 -19.05 -57.70 3.83
N LEU B 176 -18.95 -57.84 2.51
CA LEU B 176 -18.40 -56.81 1.65
C LEU B 176 -19.31 -55.60 1.64
N ALA B 177 -20.49 -55.76 1.06
CA ALA B 177 -21.44 -54.65 1.00
C ALA B 177 -21.48 -53.99 2.39
N ALA B 178 -21.54 -54.82 3.42
CA ALA B 178 -21.57 -54.35 4.80
C ALA B 178 -20.35 -53.48 5.10
N THR B 179 -19.16 -54.01 4.82
CA THR B 179 -17.92 -53.26 5.06
C THR B 179 -17.90 -51.94 4.30
N ALA B 180 -18.39 -51.96 3.06
CA ALA B 180 -18.43 -50.73 2.28
C ALA B 180 -19.43 -49.82 2.96
N ASN B 181 -20.65 -50.29 3.12
CA ASN B 181 -21.70 -49.51 3.76
C ASN B 181 -21.32 -49.08 5.16
N GLY B 182 -20.45 -49.84 5.80
CA GLY B 182 -20.01 -49.48 7.14
C GLY B 182 -18.91 -48.46 7.09
N ILE B 183 -18.94 -47.60 6.08
CA ILE B 183 -17.95 -46.55 5.93
C ILE B 183 -18.63 -45.22 6.26
N ASP B 184 -18.01 -44.49 7.18
CA ASP B 184 -18.52 -43.21 7.65
C ASP B 184 -18.46 -42.07 6.63
N SER B 185 -19.41 -41.16 6.70
CA SER B 185 -19.39 -40.03 5.79
C SER B 185 -18.10 -39.26 5.99
N ASN B 186 -17.92 -38.76 7.20
CA ASN B 186 -16.75 -37.97 7.56
C ASN B 186 -15.40 -38.63 7.32
N THR B 187 -15.38 -39.77 6.64
CA THR B 187 -14.12 -40.42 6.37
C THR B 187 -13.46 -39.52 5.31
N LYS B 188 -12.54 -38.67 5.77
CA LYS B 188 -11.88 -37.75 4.87
C LYS B 188 -11.20 -38.49 3.72
N THR B 189 -11.46 -38.06 2.49
CA THR B 189 -10.91 -38.70 1.30
C THR B 189 -10.01 -37.76 0.49
N ALA B 190 -9.70 -36.60 1.05
CA ALA B 190 -8.86 -35.64 0.35
C ALA B 190 -8.59 -34.38 1.16
N HIS B 191 -7.33 -34.13 1.50
CA HIS B 191 -6.97 -32.91 2.23
C HIS B 191 -5.71 -32.29 1.69
N LEU B 192 -5.88 -31.29 0.84
CA LEU B 192 -4.75 -30.58 0.25
C LEU B 192 -4.96 -29.12 0.56
N ASN B 193 -3.99 -28.54 1.27
CA ASN B 193 -4.04 -27.11 1.61
C ASN B 193 -2.63 -26.55 1.59
N GLY B 194 -2.44 -25.49 0.83
CA GLY B 194 -1.13 -24.88 0.76
C GLY B 194 -1.12 -23.42 0.36
N ASN B 195 0.05 -22.81 0.50
CA ASN B 195 0.21 -21.42 0.13
C ASN B 195 1.34 -21.31 -0.87
N GLN B 196 1.13 -20.52 -1.92
CA GLN B 196 2.16 -20.34 -2.92
C GLN B 196 1.98 -19.03 -3.68
N TRP B 197 3.06 -18.59 -4.33
CA TRP B 197 3.02 -17.35 -5.10
C TRP B 197 2.94 -17.50 -6.62
N GLY B 198 2.20 -16.59 -7.24
CA GLY B 198 2.07 -16.61 -8.67
C GLY B 198 2.61 -15.32 -9.22
N PHE B 199 3.05 -15.36 -10.49
CA PHE B 199 3.62 -14.20 -11.17
C PHE B 199 3.04 -14.03 -12.56
N GLY B 200 2.58 -12.83 -12.86
CA GLY B 200 2.03 -12.57 -14.17
C GLY B 200 2.34 -11.15 -14.57
N TRP B 201 1.98 -10.80 -15.79
CA TRP B 201 2.22 -9.45 -16.25
C TRP B 201 1.01 -9.02 -17.03
N ASN B 202 0.52 -7.80 -16.80
CA ASN B 202 -0.63 -7.35 -17.56
C ASN B 202 -0.23 -6.07 -18.27
N ALA B 203 -0.99 -5.66 -19.28
CA ALA B 203 -0.69 -4.45 -20.05
C ALA B 203 -1.97 -3.74 -20.52
N GLY B 204 -1.81 -2.60 -21.18
CA GLY B 204 -2.95 -1.86 -21.68
C GLY B 204 -2.63 -0.74 -22.67
N ILE B 205 -3.63 -0.32 -23.43
CA ILE B 205 -3.45 0.76 -24.41
C ILE B 205 -4.60 1.73 -24.20
N LEU B 206 -4.30 3.00 -23.97
CA LEU B 206 -5.35 3.96 -23.75
C LEU B 206 -5.45 5.03 -24.83
N TYR B 207 -6.52 4.98 -25.62
CA TYR B 207 -6.76 5.94 -26.70
C TYR B 207 -7.86 6.92 -26.35
N GLU B 208 -7.56 8.22 -26.29
CA GLU B 208 -8.61 9.19 -25.97
C GLU B 208 -8.90 10.14 -27.12
N LEU B 209 -10.18 10.28 -27.48
CA LEU B 209 -10.61 11.15 -28.57
C LEU B 209 -10.70 12.58 -28.08
N ASP B 210 -10.57 12.74 -26.77
CA ASP B 210 -10.60 14.05 -26.14
C ASP B 210 -10.92 13.80 -24.70
N LYS B 211 -10.67 14.83 -23.89
CA LYS B 211 -10.90 14.73 -22.47
C LYS B 211 -12.28 14.23 -22.09
N ASN B 212 -13.11 13.94 -23.08
CA ASN B 212 -14.46 13.45 -22.83
C ASN B 212 -14.80 12.08 -23.36
N ASN B 213 -13.95 11.52 -24.22
CA ASN B 213 -14.21 10.22 -24.82
C ASN B 213 -12.95 9.40 -25.10
N ARG B 214 -12.87 8.21 -24.50
CA ARG B 214 -11.72 7.34 -24.71
C ARG B 214 -12.07 5.83 -24.74
N TYR B 215 -11.20 5.07 -25.39
CA TYR B 215 -11.37 3.64 -25.53
C TYR B 215 -10.14 2.88 -25.10
N ALA B 216 -10.28 1.58 -24.88
CA ALA B 216 -9.14 0.80 -24.42
C ALA B 216 -9.10 -0.68 -24.82
N LEU B 217 -7.91 -1.25 -24.71
CA LEU B 217 -7.71 -2.66 -24.97
C LEU B 217 -6.63 -3.07 -23.98
N THR B 218 -7.02 -3.88 -22.99
CA THR B 218 -6.11 -4.35 -21.96
C THR B 218 -5.86 -5.82 -22.14
N TYR B 219 -4.81 -6.33 -21.52
CA TYR B 219 -4.51 -7.74 -21.62
C TYR B 219 -3.95 -8.17 -20.29
N ARG B 220 -4.44 -9.31 -19.82
CA ARG B 220 -4.01 -9.85 -18.54
C ARG B 220 -3.44 -11.22 -18.80
N SER B 221 -2.20 -11.42 -18.38
CA SER B 221 -1.53 -12.69 -18.60
C SER B 221 -1.97 -13.81 -17.65
N GLU B 222 -1.81 -15.04 -18.10
CA GLU B 222 -2.16 -16.22 -17.33
C GLU B 222 -1.18 -16.26 -16.18
N VAL B 223 -1.60 -16.82 -15.05
CA VAL B 223 -0.73 -16.93 -13.87
C VAL B 223 -0.81 -18.34 -13.31
N LYS B 224 0.27 -19.09 -13.49
CA LYS B 224 0.32 -20.46 -13.00
C LYS B 224 0.82 -20.41 -11.58
N ILE B 225 0.13 -21.11 -10.69
CA ILE B 225 0.52 -21.18 -9.31
C ILE B 225 0.70 -22.66 -9.01
N ASP B 226 1.90 -23.05 -8.61
CA ASP B 226 2.21 -24.45 -8.31
C ASP B 226 2.33 -24.77 -6.82
N PHE B 227 1.54 -25.75 -6.37
CA PHE B 227 1.55 -26.19 -4.97
C PHE B 227 2.36 -27.50 -4.78
N LEU B 259 0.16 -29.97 -7.09
CA LEU B 259 -0.98 -29.50 -7.86
C LEU B 259 -0.72 -28.09 -8.39
N THR B 260 -1.14 -27.84 -9.64
CA THR B 260 -0.94 -26.54 -10.30
C THR B 260 -2.22 -25.79 -10.67
N LEU B 261 -2.44 -24.63 -10.03
CA LEU B 261 -3.62 -23.80 -10.31
C LEU B 261 -3.28 -22.67 -11.27
N ASN B 262 -4.05 -22.57 -12.35
CA ASN B 262 -3.83 -21.53 -13.34
C ASN B 262 -4.94 -20.49 -13.40
N LEU B 263 -4.60 -19.25 -13.12
CA LEU B 263 -5.57 -18.19 -13.23
C LEU B 263 -5.52 -17.91 -14.73
N PRO B 264 -6.68 -17.75 -15.37
CA PRO B 264 -6.79 -17.49 -16.81
C PRO B 264 -6.26 -16.17 -17.34
N GLU B 265 -5.86 -16.18 -18.61
CA GLU B 265 -5.41 -14.95 -19.22
C GLU B 265 -6.67 -14.20 -19.58
N MET B 266 -6.60 -12.89 -19.71
CA MET B 266 -7.78 -12.09 -20.02
C MET B 266 -7.54 -11.03 -21.08
N TRP B 267 -8.63 -10.61 -21.71
CA TRP B 267 -8.60 -9.57 -22.73
C TRP B 267 -9.80 -8.71 -22.43
N GLU B 268 -9.73 -7.41 -22.70
CA GLU B 268 -10.88 -6.56 -22.43
C GLU B 268 -10.84 -5.25 -23.23
N VAL B 269 -12.02 -4.79 -23.64
CA VAL B 269 -12.18 -3.56 -24.40
C VAL B 269 -13.23 -2.75 -23.65
N SER B 270 -12.95 -1.48 -23.40
CA SER B 270 -13.88 -0.64 -22.64
C SER B 270 -14.00 0.77 -23.22
N GLY B 271 -15.16 1.40 -23.00
CA GLY B 271 -15.32 2.75 -23.51
C GLY B 271 -16.01 3.67 -22.54
N TYR B 272 -15.54 4.91 -22.50
CA TYR B 272 -16.14 5.90 -21.63
C TYR B 272 -16.55 7.08 -22.50
N ASN B 273 -17.81 7.51 -22.39
CA ASN B 273 -18.30 8.62 -23.19
C ASN B 273 -18.92 9.69 -22.28
N ARG B 274 -18.29 10.85 -22.21
CA ARG B 274 -18.81 11.90 -21.36
C ARG B 274 -19.82 12.73 -22.12
N VAL B 275 -20.81 12.03 -22.65
CA VAL B 275 -21.89 12.60 -23.45
C VAL B 275 -22.48 13.96 -23.07
N ASP B 276 -22.33 14.35 -21.81
CA ASP B 276 -22.89 15.63 -21.36
C ASP B 276 -22.14 16.03 -20.09
N PRO B 277 -22.24 17.30 -19.66
CA PRO B 277 -21.53 17.65 -18.44
C PRO B 277 -21.92 16.76 -17.27
N GLN B 278 -23.18 16.37 -17.25
CA GLN B 278 -23.67 15.55 -16.15
C GLN B 278 -23.92 14.08 -16.45
N TRP B 279 -23.85 13.65 -17.70
CA TRP B 279 -24.08 12.24 -18.00
C TRP B 279 -22.95 11.58 -18.74
N ALA B 280 -22.65 10.35 -18.37
CA ALA B 280 -21.59 9.60 -19.03
C ALA B 280 -21.99 8.12 -19.16
N ILE B 281 -21.31 7.43 -20.05
CA ILE B 281 -21.59 6.03 -20.32
C ILE B 281 -20.29 5.25 -20.32
N HIS B 282 -20.34 4.05 -19.78
CA HIS B 282 -19.17 3.19 -19.73
C HIS B 282 -19.64 1.78 -20.02
N TYR B 283 -18.81 1.02 -20.70
CA TYR B 283 -19.18 -0.32 -21.04
C TYR B 283 -17.94 -1.08 -21.43
N SER B 284 -18.02 -2.40 -21.37
CA SER B 284 -16.90 -3.24 -21.72
C SER B 284 -17.32 -4.64 -22.03
N LEU B 285 -16.45 -5.31 -22.78
CA LEU B 285 -16.66 -6.69 -23.19
C LEU B 285 -15.37 -7.36 -22.75
N ALA B 286 -15.46 -8.42 -21.96
CA ALA B 286 -14.24 -9.07 -21.54
C ALA B 286 -14.23 -10.53 -21.96
N TYR B 287 -13.06 -11.00 -22.39
CA TYR B 287 -12.89 -12.38 -22.83
C TYR B 287 -11.86 -13.13 -22.03
N THR B 288 -12.17 -14.37 -21.70
CA THR B 288 -11.26 -15.19 -20.95
C THR B 288 -11.30 -16.64 -21.44
N SER B 289 -10.12 -17.23 -21.60
CA SER B 289 -9.96 -18.60 -22.05
C SER B 289 -9.18 -19.36 -20.98
N TRP B 290 -9.88 -20.23 -20.24
CA TRP B 290 -9.26 -20.99 -19.16
C TRP B 290 -8.47 -22.22 -19.64
N SER B 291 -7.83 -22.08 -20.80
CA SER B 291 -7.02 -23.14 -21.39
C SER B 291 -7.52 -24.56 -21.10
N LYS B 314 -12.29 -24.70 -22.89
CA LYS B 314 -13.33 -23.90 -22.23
C LYS B 314 -12.98 -22.41 -22.27
N ASP B 315 -13.99 -21.56 -22.13
CA ASP B 315 -13.79 -20.11 -22.17
C ASP B 315 -15.11 -19.37 -21.93
N ALA B 316 -15.04 -18.13 -21.44
CA ALA B 316 -16.25 -17.35 -21.16
C ALA B 316 -16.07 -15.88 -21.45
N TYR B 317 -17.18 -15.14 -21.45
CA TYR B 317 -17.10 -13.72 -21.71
C TYR B 317 -17.94 -12.94 -20.72
N ARG B 318 -17.68 -11.64 -20.61
CA ARG B 318 -18.45 -10.81 -19.70
C ARG B 318 -18.82 -9.53 -20.42
N ILE B 319 -20.04 -9.07 -20.19
CA ILE B 319 -20.52 -7.87 -20.85
C ILE B 319 -21.14 -6.95 -19.79
N ALA B 320 -20.81 -5.66 -19.85
CA ALA B 320 -21.34 -4.73 -18.87
C ALA B 320 -21.51 -3.36 -19.48
N LEU B 321 -22.60 -2.71 -19.11
CA LEU B 321 -22.94 -1.39 -19.61
C LEU B 321 -23.41 -0.62 -18.39
N GLY B 322 -23.03 0.63 -18.29
CA GLY B 322 -23.44 1.39 -17.14
C GLY B 322 -23.40 2.86 -17.43
N THR B 323 -23.88 3.66 -16.49
CA THR B 323 -23.92 5.09 -16.69
C THR B 323 -23.79 5.84 -15.38
N THR B 324 -22.97 6.89 -15.38
CA THR B 324 -22.80 7.68 -14.18
C THR B 324 -23.49 9.00 -14.42
N TYR B 325 -23.75 9.70 -13.33
CA TYR B 325 -24.45 10.96 -13.37
C TYR B 325 -23.82 11.87 -12.33
N TYR B 326 -23.25 12.99 -12.78
CA TYR B 326 -22.62 13.95 -11.87
C TYR B 326 -23.54 15.12 -11.49
N TYR B 327 -24.54 14.83 -10.64
CA TYR B 327 -25.50 15.83 -10.20
C TYR B 327 -24.87 17.19 -9.97
N ASP B 328 -23.87 17.24 -9.09
CA ASP B 328 -23.16 18.48 -8.83
C ASP B 328 -21.78 18.18 -8.30
N ASP B 329 -21.07 19.20 -7.86
CA ASP B 329 -19.70 19.03 -7.36
C ASP B 329 -19.52 18.02 -6.25
N ASN B 330 -20.55 17.81 -5.44
CA ASN B 330 -20.46 16.86 -4.33
C ASN B 330 -20.93 15.47 -4.75
N TRP B 331 -22.20 15.41 -5.12
CA TRP B 331 -22.86 14.19 -5.51
C TRP B 331 -22.58 13.64 -6.89
N THR B 332 -22.62 12.32 -6.98
CA THR B 332 -22.38 11.60 -8.23
C THR B 332 -23.15 10.31 -8.13
N PHE B 333 -23.82 9.90 -9.20
CA PHE B 333 -24.58 8.67 -9.12
C PHE B 333 -24.26 7.69 -10.22
N ARG B 334 -24.26 6.40 -9.89
CA ARG B 334 -23.94 5.39 -10.89
C ARG B 334 -24.81 4.14 -10.84
N THR B 335 -25.19 3.68 -12.03
CA THR B 335 -26.03 2.49 -12.20
C THR B 335 -25.30 1.55 -13.15
N GLY B 336 -25.55 0.25 -13.00
CA GLY B 336 -24.89 -0.71 -13.86
C GLY B 336 -25.52 -2.08 -14.00
N ILE B 337 -25.38 -2.67 -15.19
CA ILE B 337 -25.91 -3.99 -15.52
C ILE B 337 -24.80 -4.78 -16.20
N ALA B 338 -24.71 -6.07 -15.90
CA ALA B 338 -23.69 -6.90 -16.53
C ALA B 338 -24.11 -8.36 -16.54
N PHE B 339 -23.48 -9.12 -17.43
CA PHE B 339 -23.76 -10.53 -17.57
C PHE B 339 -22.46 -11.26 -17.83
N ASP B 340 -22.18 -12.31 -17.07
CA ASP B 340 -20.96 -13.04 -17.36
C ASP B 340 -21.27 -14.51 -17.66
N ASP B 341 -21.13 -14.84 -18.93
CA ASP B 341 -21.36 -16.19 -19.45
C ASP B 341 -20.38 -17.15 -18.82
N SER B 342 -20.87 -18.35 -18.47
CA SER B 342 -20.06 -19.38 -17.81
C SER B 342 -18.97 -20.06 -18.65
N PRO B 343 -17.80 -20.29 -18.03
CA PRO B 343 -16.64 -20.92 -18.67
C PRO B 343 -16.69 -22.44 -18.54
N VAL B 344 -17.73 -22.95 -17.88
CA VAL B 344 -17.87 -24.39 -17.67
C VAL B 344 -19.06 -25.07 -18.36
N PRO B 345 -18.78 -26.11 -19.16
CA PRO B 345 -19.78 -26.89 -19.91
C PRO B 345 -20.86 -27.44 -19.01
N ALA B 346 -22.10 -27.37 -19.47
CA ALA B 346 -23.24 -27.85 -18.70
C ALA B 346 -23.07 -29.26 -18.12
N GLN B 347 -21.91 -29.87 -18.36
CA GLN B 347 -21.66 -31.19 -17.84
C GLN B 347 -20.39 -31.28 -17.00
N ASN B 348 -19.55 -30.26 -17.10
CA ASN B 348 -18.31 -30.26 -16.32
C ASN B 348 -18.38 -29.27 -15.17
N ARG B 349 -19.57 -29.04 -14.67
CA ARG B 349 -19.76 -28.13 -13.56
C ARG B 349 -19.42 -28.92 -12.29
N SER B 350 -19.78 -28.35 -11.14
CA SER B 350 -19.57 -28.99 -9.86
C SER B 350 -20.28 -28.14 -8.81
N ILE B 351 -20.96 -28.79 -7.88
CA ILE B 351 -21.66 -28.07 -6.85
C ILE B 351 -20.60 -27.39 -6.01
N SER B 352 -19.41 -27.97 -6.07
CA SER B 352 -18.22 -27.50 -5.37
C SER B 352 -17.81 -26.07 -5.76
N ILE B 353 -17.74 -25.83 -7.06
CA ILE B 353 -17.35 -24.53 -7.57
C ILE B 353 -18.54 -23.77 -8.15
N PRO B 354 -19.18 -22.93 -7.33
CA PRO B 354 -20.34 -22.15 -7.76
C PRO B 354 -20.04 -21.06 -8.79
N ASP B 355 -20.65 -21.22 -9.95
CA ASP B 355 -20.54 -20.30 -11.08
C ASP B 355 -21.64 -20.71 -12.06
N GLN B 356 -22.17 -19.73 -12.78
CA GLN B 356 -23.24 -20.03 -13.70
C GLN B 356 -23.70 -18.70 -14.24
N ASP B 357 -24.08 -18.68 -15.52
CA ASP B 357 -24.53 -17.46 -16.13
C ASP B 357 -25.26 -16.61 -15.08
N ARG B 358 -24.61 -15.52 -14.69
CA ARG B 358 -25.10 -14.61 -13.67
C ARG B 358 -25.30 -13.22 -14.24
N PHE B 359 -26.25 -12.49 -13.66
CA PHE B 359 -26.52 -11.11 -14.09
C PHE B 359 -26.17 -10.19 -12.94
N TRP B 360 -26.06 -8.90 -13.23
CA TRP B 360 -25.71 -7.94 -12.20
C TRP B 360 -26.54 -6.66 -12.26
N LEU B 361 -27.00 -6.21 -11.10
CA LEU B 361 -27.74 -4.96 -10.99
C LEU B 361 -26.87 -4.12 -10.05
N SER B 362 -26.64 -2.86 -10.37
CA SER B 362 -25.79 -2.05 -9.50
C SER B 362 -26.22 -0.61 -9.35
N ALA B 363 -25.75 0.00 -8.26
CA ALA B 363 -26.01 1.40 -7.96
C ALA B 363 -24.99 1.90 -6.92
N GLY B 364 -24.34 3.01 -7.24
CA GLY B 364 -23.37 3.57 -6.33
C GLY B 364 -23.52 5.07 -6.21
N THR B 365 -22.90 5.64 -5.19
CA THR B 365 -22.94 7.07 -5.00
C THR B 365 -21.57 7.57 -4.57
N THR B 366 -21.31 8.84 -4.85
CA THR B 366 -20.04 9.42 -4.49
C THR B 366 -20.17 10.82 -3.95
N TYR B 367 -19.82 10.97 -2.67
CA TYR B 367 -19.85 12.26 -2.05
C TYR B 367 -18.40 12.77 -2.04
N ALA B 368 -18.22 14.01 -2.46
CA ALA B 368 -16.89 14.61 -2.48
C ALA B 368 -16.90 15.63 -1.34
N PHE B 369 -16.13 15.39 -0.29
CA PHE B 369 -16.11 16.33 0.83
C PHE B 369 -15.51 17.65 0.41
N ASN B 370 -14.63 17.58 -0.59
CA ASN B 370 -13.96 18.74 -1.16
C ASN B 370 -12.77 18.35 -2.00
N LYS B 371 -12.77 18.91 -3.20
CA LYS B 371 -11.76 18.77 -4.24
C LYS B 371 -10.62 17.75 -4.08
N ASP B 372 -10.24 17.46 -2.84
CA ASP B 372 -9.16 16.52 -2.58
C ASP B 372 -9.58 15.11 -2.18
N ALA B 373 -10.65 15.02 -1.39
CA ALA B 373 -11.11 13.74 -0.92
C ALA B 373 -12.58 13.47 -1.23
N SER B 374 -12.96 12.20 -1.16
CA SER B 374 -14.32 11.78 -1.44
C SER B 374 -14.43 10.31 -1.10
N VAL B 375 -15.64 9.87 -0.79
CA VAL B 375 -15.87 8.46 -0.47
C VAL B 375 -16.91 7.86 -1.42
N ASP B 376 -16.67 6.60 -1.80
CA ASP B 376 -17.54 5.88 -2.71
C ASP B 376 -18.29 4.77 -1.99
N VAL B 377 -19.59 4.68 -2.25
CA VAL B 377 -20.42 3.64 -1.67
C VAL B 377 -21.09 2.90 -2.81
N GLY B 378 -20.96 1.59 -2.81
CA GLY B 378 -21.53 0.79 -3.88
C GLY B 378 -22.35 -0.38 -3.41
N VAL B 379 -23.42 -0.64 -4.15
CA VAL B 379 -24.34 -1.74 -3.89
C VAL B 379 -24.40 -2.59 -5.15
N SER B 380 -24.54 -3.90 -5.02
CA SER B 380 -24.60 -4.76 -6.19
C SER B 380 -25.23 -6.10 -5.89
N TYR B 381 -26.29 -6.43 -6.62
CA TYR B 381 -26.99 -7.71 -6.46
C TYR B 381 -26.75 -8.63 -7.66
N MET B 382 -26.37 -9.88 -7.41
CA MET B 382 -26.14 -10.84 -8.49
C MET B 382 -27.19 -11.93 -8.37
N HIS B 383 -27.94 -12.18 -9.43
CA HIS B 383 -28.91 -13.26 -9.39
C HIS B 383 -28.34 -14.34 -10.28
N GLY B 384 -28.52 -15.61 -9.89
CA GLY B 384 -27.98 -16.68 -10.70
C GLY B 384 -29.03 -17.52 -11.41
N GLN B 385 -28.65 -18.04 -12.57
CA GLN B 385 -29.57 -18.90 -13.32
C GLN B 385 -29.53 -20.25 -12.61
N SER B 386 -30.70 -20.76 -12.22
CA SER B 386 -30.77 -22.06 -11.55
C SER B 386 -30.44 -23.17 -12.53
N VAL B 387 -29.40 -23.94 -12.23
CA VAL B 387 -28.99 -25.00 -13.12
C VAL B 387 -29.16 -26.40 -12.60
N LYS B 388 -28.70 -27.37 -13.39
CA LYS B 388 -28.78 -28.79 -13.07
C LYS B 388 -27.40 -29.42 -13.19
N ILE B 389 -26.85 -29.88 -12.07
CA ILE B 389 -25.53 -30.50 -12.12
C ILE B 389 -25.61 -32.02 -11.99
N ASN B 390 -24.80 -32.74 -12.78
CA ASN B 390 -24.77 -34.20 -12.73
C ASN B 390 -23.40 -34.68 -12.29
N GLU B 391 -22.86 -34.17 -11.19
CA GLU B 391 -21.52 -34.58 -10.73
C GLU B 391 -21.42 -35.99 -10.13
N GLY B 392 -20.43 -36.77 -10.55
CA GLY B 392 -20.26 -38.12 -10.05
C GLY B 392 -21.51 -38.97 -10.28
N PRO B 393 -21.90 -39.83 -9.32
CA PRO B 393 -23.09 -40.67 -9.46
C PRO B 393 -24.29 -39.86 -9.02
N TYR B 394 -24.00 -38.62 -8.63
CA TYR B 394 -25.03 -37.72 -8.17
C TYR B 394 -25.56 -36.77 -9.21
N GLN B 395 -26.67 -36.13 -8.87
CA GLN B 395 -27.32 -35.15 -9.72
C GLN B 395 -27.90 -34.15 -8.72
N PHE B 396 -27.45 -32.91 -8.79
CA PHE B 396 -27.92 -31.88 -7.88
C PHE B 396 -28.60 -30.78 -8.66
N GLU B 397 -28.91 -29.70 -7.95
CA GLU B 397 -29.54 -28.53 -8.53
C GLU B 397 -29.01 -27.35 -7.72
N SER B 398 -28.39 -26.39 -8.40
CA SER B 398 -27.80 -25.25 -7.72
C SER B 398 -28.37 -23.88 -8.04
N GLU B 399 -28.89 -23.20 -7.03
CA GLU B 399 -29.40 -21.84 -7.21
C GLU B 399 -28.44 -20.99 -6.41
N GLY B 400 -28.53 -19.68 -6.56
CA GLY B 400 -27.64 -18.79 -5.83
C GLY B 400 -27.64 -17.35 -6.31
N LYS B 401 -28.03 -16.45 -5.42
CA LYS B 401 -28.04 -15.03 -5.73
C LYS B 401 -26.95 -14.48 -4.81
N ALA B 402 -26.84 -13.16 -4.68
CA ALA B 402 -25.83 -12.59 -3.80
C ALA B 402 -25.91 -11.06 -3.67
N TRP B 403 -25.45 -10.54 -2.55
CA TRP B 403 -25.44 -9.10 -2.35
C TRP B 403 -24.03 -8.58 -2.09
N LEU B 404 -23.73 -7.42 -2.65
CA LEU B 404 -22.42 -6.80 -2.49
C LEU B 404 -22.54 -5.39 -1.93
N PHE B 405 -21.81 -5.11 -0.86
CA PHE B 405 -21.77 -3.78 -0.27
C PHE B 405 -20.32 -3.29 -0.44
N GLY B 406 -20.12 -2.02 -0.79
CA GLY B 406 -18.76 -1.55 -0.95
C GLY B 406 -18.49 -0.10 -0.67
N THR B 407 -17.35 0.17 -0.04
CA THR B 407 -16.98 1.55 0.26
C THR B 407 -15.52 1.78 -0.04
N ASN B 408 -15.21 3.01 -0.41
CA ASN B 408 -13.85 3.43 -0.72
C ASN B 408 -13.76 4.90 -0.46
N PHE B 409 -12.61 5.31 0.07
CA PHE B 409 -12.32 6.72 0.34
C PHE B 409 -11.10 6.99 -0.53
N ASN B 410 -11.06 8.14 -1.19
CA ASN B 410 -9.90 8.50 -2.02
C ASN B 410 -9.46 9.88 -1.64
N TYR B 411 -8.15 10.11 -1.76
CA TYR B 411 -7.54 11.39 -1.42
C TYR B 411 -6.48 11.78 -2.44
N ALA B 412 -6.35 13.09 -2.67
CA ALA B 412 -5.36 13.65 -3.61
C ALA B 412 -4.33 14.44 -2.83
N PHE B 413 -3.08 14.45 -3.29
CA PHE B 413 -2.03 15.18 -2.56
C PHE B 413 -1.77 16.59 -3.07
C1 C8E C . 5.05 -6.18 -7.43
C2 C8E C . 6.05 -6.24 -6.38
C3 C8E C . 6.34 -4.94 -5.74
C4 C8E C . 5.67 -4.92 -4.45
C5 C8E C . 4.69 -3.80 -4.43
C6 C8E C . 3.38 -4.31 -4.11
C7 C8E C . 2.90 -3.25 -3.25
C8 C8E C . 1.58 -2.79 -3.71
O9 C8E C . 0.95 -1.54 -3.46
C10 C8E C . 0.62 -1.15 -2.12
C11 C8E C . -0.02 0.20 -2.30
O12 C8E C . 0.12 1.07 -1.15
C13 C8E C . 1.47 1.31 -0.62
C14 C8E C . 2.79 1.68 -1.40
O15 C8E C . 3.14 1.56 -2.80
C16 C8E C . 3.75 0.28 -3.06
C17 C8E C . 5.26 0.17 -2.91
O18 C8E C . 6.19 0.91 -3.75
C19 C8E C . 6.57 0.19 -4.95
C20 C8E C . 7.64 0.71 -5.98
O21 C8E C . 7.94 2.11 -6.05
C1 C8E D . 20.38 15.14 4.72
C2 C8E D . 19.89 14.51 5.93
C3 C8E D . 19.24 13.20 5.75
C4 C8E D . 18.21 12.99 6.76
C5 C8E D . 17.89 11.54 6.90
C6 C8E D . 18.45 10.86 8.04
C7 C8E D . 17.66 9.66 7.98
C8 C8E D . 17.39 9.02 9.30
O9 C8E D . 16.73 9.53 10.42
C10 C8E D . 17.22 10.62 11.07
C11 C8E D . 16.23 10.83 12.14
O12 C8E D . 16.38 11.98 13.04
C13 C8E D . 16.90 13.26 12.59
C14 C8E D . 18.01 13.56 11.51
O15 C8E D . 19.26 14.29 11.58
C16 C8E D . 19.09 15.69 11.26
C17 C8E D . 19.28 16.01 9.76
O18 C8E D . 20.61 16.10 9.11
C19 C8E D . 21.26 17.46 9.10
C20 C8E D . 21.46 18.34 7.72
O21 C8E D . 20.77 19.63 7.48
C1 C8E E . -7.87 -11.63 1.38
C2 C8E E . -6.74 -10.72 1.17
C3 C8E E . -6.45 -9.82 2.29
C4 C8E E . -5.62 -8.74 1.78
C5 C8E E . -5.55 -7.63 2.77
C6 C8E E . -4.45 -6.75 2.49
C7 C8E E . -5.16 -5.60 1.96
C8 C8E E . -4.41 -4.36 2.23
O9 C8E E . -4.79 -3.31 3.12
C10 C8E E . -6.03 -2.62 2.89
C11 C8E E . -6.16 -1.59 3.97
O12 C8E E . -7.49 -1.58 4.56
C13 C8E E . -8.40 -0.54 4.09
C14 C8E E . -8.42 0.97 4.54
O15 C8E E . -7.75 2.15 4.00
C16 C8E E . -6.45 2.37 4.60
C17 C8E E . -6.47 3.31 5.83
O18 C8E E . -6.86 4.70 5.76
C19 C8E E . -5.75 5.59 5.50
C20 C8E E . -5.70 7.07 6.03
O21 C8E E . -6.92 7.72 6.42
C1 C8E F . -20.61 -14.67 -5.49
C2 C8E F . -19.39 -14.23 -6.15
C3 C8E F . -19.37 -12.80 -6.45
C4 C8E F . -18.14 -12.51 -7.17
C5 C8E F . -17.48 -11.37 -6.51
C6 C8E F . -17.34 -10.24 -7.42
C7 C8E F . -16.88 -9.21 -6.48
C8 C8E F . -15.48 -8.88 -6.77
O9 C8E F . -14.41 -9.80 -6.91
C10 C8E F . -14.08 -10.64 -5.81
C11 C8E F . -12.93 -11.48 -6.28
O12 C8E F . -12.14 -11.91 -5.18
C13 C8E F . -12.49 -13.20 -4.67
C14 C8E F . -13.60 -13.49 -3.62
O15 C8E F . -13.92 -14.70 -2.92
C16 C8E F . -14.87 -15.47 -3.67
C17 C8E F . -16.34 -15.17 -3.35
O18 C8E F . -17.17 -16.12 -2.66
C19 C8E F . -17.82 -17.03 -3.58
C20 C8E F . -18.50 -18.37 -3.17
O21 C8E F . -19.35 -19.01 -4.14
#